data_6XXK
#
_entry.id   6XXK
#
_cell.length_a   104.980
_cell.length_b   104.980
_cell.length_c   160.898
_cell.angle_alpha   90.000
_cell.angle_beta   90.000
_cell.angle_gamma   120.000
#
_symmetry.space_group_name_H-M   'P 32 2 1'
#
loop_
_entity.id
_entity.type
_entity.pdbx_description
1 polymer 'Deoxyhypusine synthase'
2 non-polymer SPERMIDINE
3 non-polymer 1,2-ETHANEDIOL
4 non-polymer 'ACETATE ION'
5 non-polymer BETA-MERCAPTOETHANOL
6 non-polymer 'FORMIC ACID'
7 non-polymer (4R)-2-METHYLPENTANE-2,4-DIOL
8 water water
#
_entity_poly.entity_id   1
_entity_poly.type   'polypeptide(L)'
_entity_poly.pdbx_seq_one_letter_code
;MEGSLEREAPAGALAAVLKHSSTLPPESTQVRGYDFNRGVNYRALLEAFGTTGFQATNFGRAVQQVNAMIEKKLEPLSQD
EDQHADLTQSRRPLTSCTIFLGYTSNLISSGIRETIRYLVQHNMVDVLVTTAGGVEEDLIKCLAPTYLGEFSLRGKELRE
NGINRIGNLLVPNENY(CSS)KFEDWLMPILDQMVMEQNTEGVKWTPSKMIARLGKEINNPESVYYWAQKNHIPVFSPAL
TDGSLGDMIFFHSYKNPGLVLDIVEDLRLINTQAIFAKCTGMIILGGGVVKHHIANANLMRNGADYAVYINTAQEFDGSD
SGARPDEAVSWGKIRVDAQPVKVYADASLVFPLLVAETFAQKMDAFMHEKNED
;
_entity_poly.pdbx_strand_id   A,B
#
loop_
_chem_comp.id
_chem_comp.type
_chem_comp.name
_chem_comp.formula
ACT non-polymer 'ACETATE ION' 'C2 H3 O2 -1'
BME non-polymer BETA-MERCAPTOETHANOL 'C2 H6 O S'
EDO non-polymer 1,2-ETHANEDIOL 'C2 H6 O2'
FMT non-polymer 'FORMIC ACID' 'C H2 O2'
MRD non-polymer (4R)-2-METHYLPENTANE-2,4-DIOL 'C6 H14 O2'
SPD non-polymer SPERMIDINE 'C7 H19 N3'
#
# COMPACT_ATOMS: atom_id res chain seq x y z
N ALA A 9 11.78 27.68 50.76
CA ALA A 9 11.24 27.20 49.49
C ALA A 9 9.88 26.54 49.72
N PRO A 10 8.86 26.86 48.93
CA PRO A 10 7.52 26.28 49.14
C PRO A 10 7.58 24.77 49.35
N ALA A 11 6.92 24.30 50.41
CA ALA A 11 7.05 22.90 50.84
C ALA A 11 6.45 21.93 49.84
N GLY A 12 5.29 22.25 49.25
CA GLY A 12 4.71 21.34 48.29
C GLY A 12 5.59 21.19 47.06
N ALA A 13 6.24 22.29 46.65
CA ALA A 13 7.16 22.28 45.53
C ALA A 13 8.31 21.31 45.79
N LEU A 14 8.95 21.43 46.96
CA LEU A 14 10.01 20.51 47.33
C LEU A 14 9.52 19.08 47.32
N ALA A 15 8.30 18.84 47.80
CA ALA A 15 7.80 17.46 47.88
C ALA A 15 7.53 16.90 46.48
N ALA A 16 7.08 17.76 45.55
CA ALA A 16 6.76 17.33 44.18
C ALA A 16 8.01 16.98 43.39
N VAL A 17 9.06 17.80 43.52
CA VAL A 17 10.29 17.64 42.76
C VAL A 17 11.20 16.59 43.41
N LEU A 18 11.22 16.51 44.75
CA LEU A 18 12.16 15.60 45.42
C LEU A 18 11.45 14.35 45.96
N LYS A 19 10.53 13.80 45.15
CA LYS A 19 9.72 12.65 45.55
C LYS A 19 10.57 11.38 45.61
N HIS A 20 10.33 10.55 46.64
CA HIS A 20 11.06 9.29 46.75
C HIS A 20 10.70 8.35 45.61
N SER A 21 11.63 7.47 45.26
CA SER A 21 11.46 6.51 44.17
C SER A 21 11.64 5.06 44.64
N SER A 22 10.83 4.18 44.08
CA SER A 22 10.99 2.74 44.29
C SER A 22 12.25 2.22 43.60
N THR A 23 12.83 1.18 44.18
CA THR A 23 13.95 0.49 43.55
C THR A 23 13.41 -0.36 42.42
N LEU A 24 14.14 -0.37 41.30
CA LEU A 24 13.76 -1.12 40.11
C LEU A 24 14.25 -2.58 40.22
N PRO A 25 13.68 -3.50 39.45
CA PRO A 25 14.05 -4.91 39.59
C PRO A 25 15.56 -5.11 39.40
N PRO A 26 16.12 -6.12 40.05
CA PRO A 26 17.59 -6.28 40.00
C PRO A 26 18.14 -6.57 38.61
N GLU A 27 17.35 -7.11 37.70
CA GLU A 27 17.82 -7.41 36.36
C GLU A 27 17.67 -6.23 35.38
N SER A 28 17.35 -5.04 35.89
CA SER A 28 17.21 -3.87 35.03
C SER A 28 18.53 -3.53 34.35
N THR A 29 18.45 -3.19 33.08
CA THR A 29 19.63 -2.99 32.27
C THR A 29 20.02 -1.53 32.25
N GLN A 30 21.28 -1.24 32.54
CA GLN A 30 21.76 0.14 32.55
C GLN A 30 22.02 0.63 31.12
N VAL A 31 21.80 1.94 30.91
CA VAL A 31 22.19 2.58 29.66
C VAL A 31 23.68 2.81 29.63
N ARG A 32 24.30 2.54 28.50
CA ARG A 32 25.74 2.65 28.38
C ARG A 32 26.10 2.54 26.89
N GLY A 33 26.81 3.52 26.35
CA GLY A 33 27.14 3.47 24.93
C GLY A 33 28.47 2.78 24.70
N TYR A 34 28.75 2.51 23.43
CA TYR A 34 30.05 1.99 23.07
C TYR A 34 31.16 2.99 23.36
N ASP A 35 32.26 2.48 23.95
CA ASP A 35 33.41 3.31 24.33
C ASP A 35 34.52 3.21 23.28
N PHE A 36 34.73 4.30 22.51
CA PHE A 36 35.71 4.27 21.43
C PHE A 36 37.14 4.32 21.96
N ASN A 37 37.35 4.47 23.28
CA ASN A 37 38.69 4.20 23.81
C ASN A 37 39.10 2.74 23.62
N ARG A 38 38.15 1.84 23.35
CA ARG A 38 38.49 0.46 22.99
C ARG A 38 39.04 0.33 21.58
N GLY A 39 39.02 1.42 20.79
CA GLY A 39 39.26 1.35 19.35
C GLY A 39 37.94 1.09 18.63
N VAL A 40 38.05 0.59 17.39
CA VAL A 40 36.88 0.33 16.55
C VAL A 40 36.75 -1.16 16.31
N ASN A 41 35.91 -1.83 17.09
CA ASN A 41 35.50 -3.17 16.78
C ASN A 41 34.03 -3.05 16.39
N TYR A 42 33.75 -3.26 15.09
CA TYR A 42 32.38 -3.02 14.60
C TYR A 42 31.37 -4.00 15.19
N ARG A 43 31.78 -5.22 15.53
CA ARG A 43 30.83 -6.19 16.13
C ARG A 43 30.39 -5.64 17.49
N ALA A 44 31.34 -5.22 18.35
CA ALA A 44 31.06 -4.68 19.65
C ALA A 44 30.27 -3.38 19.54
N LEU A 45 30.59 -2.57 18.52
CA LEU A 45 29.84 -1.33 18.31
CA LEU A 45 29.84 -1.33 18.30
C LEU A 45 28.36 -1.64 18.06
N LEU A 46 28.07 -2.60 17.16
CA LEU A 46 26.67 -2.99 16.91
C LEU A 46 26.04 -3.59 18.14
N GLU A 47 26.75 -4.46 18.86
CA GLU A 47 26.17 -5.02 20.10
C GLU A 47 25.79 -3.93 21.09
N ALA A 48 26.55 -2.85 21.11
CA ALA A 48 26.30 -1.78 22.05
C ALA A 48 25.01 -1.01 21.75
N PHE A 49 24.42 -1.16 20.55
CA PHE A 49 23.17 -0.45 20.32
CA PHE A 49 23.12 -0.54 20.25
C PHE A 49 22.12 -0.88 21.33
N GLY A 50 22.13 -2.16 21.75
CA GLY A 50 21.12 -2.65 22.66
C GLY A 50 20.98 -1.82 23.92
N THR A 51 22.11 -1.34 24.47
CA THR A 51 22.06 -0.56 25.71
C THR A 51 22.27 0.93 25.46
N THR A 52 22.11 1.38 24.21
CA THR A 52 22.25 2.81 23.91
C THR A 52 20.94 3.59 24.05
N GLY A 53 19.79 2.97 23.82
CA GLY A 53 18.51 3.60 24.07
C GLY A 53 17.79 3.97 22.77
N PHE A 54 16.54 4.42 22.92
CA PHE A 54 15.73 4.89 21.78
C PHE A 54 15.76 3.87 20.63
N GLN A 55 15.89 4.28 19.35
CA GLN A 55 15.80 3.25 18.33
C GLN A 55 17.03 2.35 18.28
N ALA A 56 18.18 2.77 18.83
CA ALA A 56 19.29 1.83 18.90
C ALA A 56 18.90 0.59 19.72
N THR A 57 18.20 0.81 20.84
CA THR A 57 17.73 -0.32 21.64
C THR A 57 16.72 -1.15 20.86
N ASN A 58 15.82 -0.51 20.10
CA ASN A 58 14.92 -1.33 19.32
C ASN A 58 15.66 -2.14 18.26
N PHE A 59 16.75 -1.58 17.69
CA PHE A 59 17.55 -2.38 16.78
C PHE A 59 18.08 -3.64 17.49
N GLY A 60 18.60 -3.49 18.70
CA GLY A 60 19.11 -4.68 19.38
C GLY A 60 18.02 -5.70 19.63
N ARG A 61 16.83 -5.21 19.97
CA ARG A 61 15.70 -6.11 20.18
C ARG A 61 15.32 -6.80 18.87
N ALA A 62 15.48 -6.10 17.74
CA ALA A 62 15.16 -6.72 16.45
C ALA A 62 16.18 -7.79 16.09
N VAL A 63 17.45 -7.60 16.42
CA VAL A 63 18.45 -8.65 16.25
C VAL A 63 18.01 -9.90 17.02
N GLN A 64 17.54 -9.69 18.25
CA GLN A 64 17.17 -10.85 19.06
C GLN A 64 15.97 -11.57 18.47
N GLN A 65 14.95 -10.82 18.01
CA GLN A 65 13.74 -11.41 17.42
C GLN A 65 14.08 -12.22 16.18
N VAL A 66 14.90 -11.64 15.28
CA VAL A 66 15.24 -12.37 14.07
C VAL A 66 16.13 -13.59 14.40
N ASN A 67 17.10 -13.43 15.30
CA ASN A 67 17.88 -14.61 15.71
C ASN A 67 17.03 -15.69 16.33
N ALA A 68 15.92 -15.33 17.02
CA ALA A 68 14.98 -16.34 17.51
C ALA A 68 14.25 -17.06 16.38
N MET A 69 13.77 -16.30 15.36
CA MET A 69 13.25 -16.94 14.15
C MET A 69 14.22 -17.93 13.56
N ILE A 70 15.47 -17.52 13.37
CA ILE A 70 16.44 -18.37 12.71
C ILE A 70 16.69 -19.63 13.54
N GLU A 71 16.84 -19.46 14.86
CA GLU A 71 17.11 -20.63 15.71
C GLU A 71 15.93 -21.59 15.69
N LYS A 72 14.70 -21.07 15.74
CA LYS A 72 13.54 -21.93 15.56
C LYS A 72 13.59 -22.65 14.21
N LYS A 73 13.85 -21.90 13.14
CA LYS A 73 13.86 -22.50 11.80
C LYS A 73 14.84 -23.64 11.70
N LEU A 74 15.95 -23.57 12.43
CA LEU A 74 16.98 -24.60 12.36
C LEU A 74 16.68 -25.83 13.22
N GLU A 75 15.63 -25.82 14.02
CA GLU A 75 15.22 -27.02 14.77
C GLU A 75 14.69 -28.09 13.82
N PRO A 76 15.10 -29.35 13.99
CA PRO A 76 14.55 -30.42 13.14
C PRO A 76 13.06 -30.65 13.38
N LEU A 77 12.40 -31.18 12.36
CA LEU A 77 11.03 -31.64 12.53
C LEU A 77 10.87 -32.98 11.80
N SER A 78 9.80 -33.69 12.17
CA SER A 78 9.32 -34.83 11.39
C SER A 78 7.88 -34.52 11.00
N GLN A 79 7.63 -34.34 9.71
CA GLN A 79 6.27 -34.07 9.24
C GLN A 79 6.13 -34.65 7.84
N ASP A 80 4.92 -35.12 7.55
CA ASP A 80 4.67 -35.81 6.30
C ASP A 80 4.82 -34.86 5.11
N GLU A 81 5.79 -35.17 4.24
CA GLU A 81 6.12 -34.29 3.12
C GLU A 81 5.00 -34.23 2.08
N ASP A 82 4.31 -35.36 1.86
CA ASP A 82 3.33 -35.43 0.78
C ASP A 82 2.03 -34.69 1.14
N GLN A 83 1.57 -34.79 2.39
CA GLN A 83 0.33 -34.11 2.77
C GLN A 83 0.55 -32.60 2.87
N HIS A 84 1.71 -32.18 3.36
CA HIS A 84 2.01 -30.76 3.38
C HIS A 84 1.95 -30.17 1.98
N ALA A 85 2.68 -30.78 1.03
CA ALA A 85 2.60 -30.34 -0.35
C ALA A 85 1.16 -30.35 -0.85
N ASP A 86 0.33 -31.27 -0.37
CA ASP A 86 -1.00 -31.28 -0.98
C ASP A 86 -1.88 -30.17 -0.43
N LEU A 87 -1.79 -29.88 0.88
CA LEU A 87 -2.63 -28.87 1.47
C LEU A 87 -2.18 -27.44 1.12
N THR A 88 -0.91 -27.25 0.77
CA THR A 88 -0.36 -25.96 0.38
C THR A 88 -0.19 -25.80 -1.13
N GLN A 89 -0.33 -26.89 -1.89
CA GLN A 89 -0.11 -26.89 -3.33
C GLN A 89 1.26 -26.30 -3.67
N SER A 90 2.25 -26.63 -2.84
CA SER A 90 3.61 -26.11 -2.95
C SER A 90 4.63 -27.24 -2.89
N ARG A 91 5.68 -27.15 -3.71
CA ARG A 91 6.85 -28.02 -3.64
C ARG A 91 7.82 -27.65 -2.50
N ARG A 92 7.60 -26.54 -1.78
CA ARG A 92 8.62 -26.14 -0.80
C ARG A 92 8.49 -26.96 0.48
N PRO A 93 9.57 -27.60 0.96
CA PRO A 93 9.47 -28.36 2.22
C PRO A 93 9.23 -27.45 3.42
N LEU A 94 8.43 -27.95 4.36
CA LEU A 94 8.21 -27.26 5.62
C LEU A 94 9.47 -27.30 6.48
N THR A 95 9.71 -26.20 7.21
CA THR A 95 10.76 -26.10 8.25
C THR A 95 10.12 -25.76 9.58
N SER A 96 10.94 -25.64 10.65
CA SER A 96 10.33 -25.37 11.94
C SER A 96 9.91 -23.91 12.12
N CYS A 97 10.21 -23.03 11.16
CA CYS A 97 9.68 -21.67 11.26
C CYS A 97 9.59 -21.09 9.85
N THR A 98 8.40 -20.76 9.42
CA THR A 98 8.18 -20.17 8.10
C THR A 98 8.33 -18.65 8.23
N ILE A 99 9.34 -18.09 7.57
CA ILE A 99 9.61 -16.65 7.65
C ILE A 99 9.05 -15.96 6.40
N PHE A 100 8.22 -14.94 6.61
CA PHE A 100 7.69 -14.07 5.55
C PHE A 100 8.52 -12.78 5.54
N LEU A 101 9.04 -12.39 4.38
CA LEU A 101 9.81 -11.17 4.20
C LEU A 101 9.04 -10.28 3.22
N GLY A 102 8.67 -9.07 3.66
CA GLY A 102 7.93 -8.10 2.83
C GLY A 102 8.75 -6.82 2.68
N TYR A 103 8.69 -6.20 1.49
CA TYR A 103 9.49 -4.97 1.32
C TYR A 103 8.81 -4.16 0.22
N THR A 104 8.77 -2.85 0.41
CA THR A 104 8.19 -1.91 -0.57
C THR A 104 9.10 -1.72 -1.76
N SER A 105 8.55 -1.12 -2.84
CA SER A 105 9.27 -1.07 -4.11
C SER A 105 10.56 -0.26 -4.03
N ASN A 106 10.55 0.86 -3.31
CA ASN A 106 11.72 1.71 -3.24
C ASN A 106 12.94 0.92 -2.76
N LEU A 107 12.73 -0.05 -1.89
CA LEU A 107 13.93 -0.75 -1.40
C LEU A 107 14.60 -1.60 -2.48
N ILE A 108 13.87 -2.01 -3.53
CA ILE A 108 14.49 -2.75 -4.62
C ILE A 108 15.24 -1.80 -5.53
N SER A 109 14.79 -0.52 -5.65
CA SER A 109 15.62 0.48 -6.34
C SER A 109 16.90 0.82 -5.58
N SER A 110 16.84 0.79 -4.24
CA SER A 110 18.06 1.02 -3.43
C SER A 110 18.99 -0.20 -3.53
N GLY A 111 20.15 -0.09 -2.86
CA GLY A 111 21.07 -1.22 -2.72
C GLY A 111 20.57 -2.30 -1.79
N ILE A 112 19.47 -2.06 -1.09
CA ILE A 112 18.88 -3.16 -0.30
C ILE A 112 18.47 -4.33 -1.19
N ARG A 113 18.31 -4.09 -2.50
CA ARG A 113 18.12 -5.18 -3.46
C ARG A 113 19.17 -6.29 -3.26
N GLU A 114 20.43 -5.90 -3.10
CA GLU A 114 21.50 -6.89 -2.89
C GLU A 114 21.32 -7.65 -1.58
N THR A 115 20.87 -6.95 -0.54
CA THR A 115 20.65 -7.58 0.77
C THR A 115 19.57 -8.65 0.67
N ILE A 116 18.46 -8.29 0.02
CA ILE A 116 17.36 -9.22 -0.14
C ILE A 116 17.81 -10.38 -1.01
N ARG A 117 18.51 -10.08 -2.12
CA ARG A 117 18.94 -11.15 -3.01
C ARG A 117 19.76 -12.20 -2.26
N TYR A 118 20.67 -11.74 -1.38
CA TYR A 118 21.50 -12.67 -0.62
C TYR A 118 20.64 -13.61 0.21
N LEU A 119 19.62 -13.06 0.91
CA LEU A 119 18.76 -13.92 1.75
C LEU A 119 18.03 -14.98 0.93
N VAL A 120 17.47 -14.57 -0.23
CA VAL A 120 16.71 -15.50 -1.08
C VAL A 120 17.64 -16.52 -1.73
N GLN A 121 18.81 -16.07 -2.19
CA GLN A 121 19.82 -16.94 -2.78
C GLN A 121 20.17 -18.09 -1.83
N HIS A 122 20.28 -17.80 -0.53
CA HIS A 122 20.63 -18.85 0.43
C HIS A 122 19.44 -19.49 1.09
N ASN A 123 18.27 -19.31 0.50
CA ASN A 123 17.08 -20.00 0.97
C ASN A 123 16.78 -19.68 2.43
N MET A 124 17.12 -18.45 2.90
CA MET A 124 16.93 -18.16 4.32
C MET A 124 15.54 -17.72 4.70
N VAL A 125 14.67 -17.35 3.76
CA VAL A 125 13.30 -17.03 4.11
C VAL A 125 12.38 -17.86 3.20
N ASP A 126 11.08 -17.88 3.51
CA ASP A 126 10.21 -18.84 2.83
C ASP A 126 9.17 -18.24 1.90
N VAL A 127 8.82 -16.97 2.11
CA VAL A 127 7.73 -16.29 1.40
C VAL A 127 8.17 -14.84 1.20
N LEU A 128 8.09 -14.32 -0.04
CA LEU A 128 8.32 -12.91 -0.28
C LEU A 128 7.00 -12.21 -0.61
N VAL A 129 6.84 -10.98 -0.16
CA VAL A 129 5.73 -10.14 -0.60
C VAL A 129 6.28 -8.76 -0.98
N THR A 130 5.96 -8.29 -2.20
CA THR A 130 6.40 -6.96 -2.56
C THR A 130 5.38 -6.37 -3.54
N THR A 131 5.49 -5.06 -3.75
CA THR A 131 4.63 -4.41 -4.76
C THR A 131 5.24 -4.58 -6.15
N ALA A 132 4.51 -4.09 -7.17
CA ALA A 132 4.94 -4.27 -8.57
C ALA A 132 6.34 -3.70 -8.81
N GLY A 133 6.62 -2.50 -8.28
CA GLY A 133 7.91 -1.88 -8.51
C GLY A 133 8.99 -2.75 -7.93
N GLY A 134 8.70 -3.41 -6.82
CA GLY A 134 9.69 -4.30 -6.22
C GLY A 134 9.98 -5.57 -7.02
N VAL A 135 9.13 -5.91 -7.99
CA VAL A 135 9.43 -6.97 -8.94
C VAL A 135 10.22 -6.38 -10.09
N GLU A 136 9.60 -5.45 -10.83
CA GLU A 136 10.18 -5.01 -12.11
C GLU A 136 11.55 -4.36 -11.95
N GLU A 137 11.79 -3.58 -10.88
CA GLU A 137 13.10 -2.92 -10.81
C GLU A 137 14.24 -3.91 -10.52
N ASP A 138 13.94 -5.07 -9.93
CA ASP A 138 14.99 -6.11 -9.81
C ASP A 138 15.37 -6.64 -11.20
N LEU A 139 14.37 -6.86 -12.05
CA LEU A 139 14.64 -7.37 -13.40
C LEU A 139 15.34 -6.31 -14.24
N ILE A 140 14.84 -5.06 -14.17
CA ILE A 140 15.46 -4.01 -14.97
C ILE A 140 16.90 -3.80 -14.59
N LYS A 141 17.25 -3.99 -13.30
CA LYS A 141 18.64 -3.78 -12.92
C LYS A 141 19.61 -4.80 -13.56
N CYS A 142 19.09 -5.89 -14.07
CA CYS A 142 19.90 -6.85 -14.84
C CYS A 142 20.13 -6.37 -16.27
N LEU A 143 19.40 -5.34 -16.70
CA LEU A 143 19.56 -4.74 -18.02
C LEU A 143 20.31 -3.42 -18.00
N ALA A 144 20.10 -2.58 -16.98
CA ALA A 144 20.71 -1.26 -16.92
C ALA A 144 20.67 -0.76 -15.48
N PRO A 145 21.59 0.08 -15.07
CA PRO A 145 21.67 0.45 -13.65
C PRO A 145 20.78 1.64 -13.26
N THR A 146 20.60 1.76 -11.95
CA THR A 146 20.01 2.92 -11.29
C THR A 146 21.16 3.80 -10.76
N TYR A 147 20.98 5.12 -10.75
CA TYR A 147 22.04 6.05 -10.39
C TYR A 147 21.70 6.87 -9.15
N LEU A 148 22.74 7.36 -8.49
CA LEU A 148 22.61 8.30 -7.37
C LEU A 148 22.27 9.69 -7.84
N GLY A 149 21.36 10.34 -7.13
CA GLY A 149 20.99 11.73 -7.42
C GLY A 149 20.74 12.48 -6.12
N GLU A 150 19.72 13.32 -6.09
CA GLU A 150 19.40 14.11 -4.91
C GLU A 150 17.89 14.22 -4.84
N PHE A 151 17.34 14.35 -3.62
CA PHE A 151 15.87 14.50 -3.51
C PHE A 151 15.38 15.80 -4.15
N SER A 152 16.22 16.85 -4.19
CA SER A 152 15.71 18.18 -4.56
C SER A 152 15.74 18.46 -6.07
N LEU A 153 16.16 17.48 -6.89
CA LEU A 153 16.24 17.73 -8.35
C LEU A 153 14.85 18.01 -8.89
N ARG A 154 14.71 19.04 -9.73
CA ARG A 154 13.37 19.48 -10.17
C ARG A 154 12.79 18.60 -11.29
N GLY A 155 11.47 18.31 -11.18
CA GLY A 155 10.88 17.33 -12.07
C GLY A 155 10.85 17.81 -13.52
N LYS A 156 10.70 19.12 -13.74
CA LYS A 156 10.60 19.63 -15.12
C LYS A 156 11.90 19.37 -15.89
N GLU A 157 12.98 19.82 -15.25
CA GLU A 157 14.33 19.47 -15.95
CA GLU A 157 14.33 19.51 -15.95
C GLU A 157 14.58 17.95 -16.14
N LEU A 158 14.27 17.18 -15.08
CA LEU A 158 14.46 15.74 -15.24
C LEU A 158 13.60 15.19 -16.36
N ARG A 159 12.33 15.58 -16.39
CA ARG A 159 11.40 15.05 -17.38
C ARG A 159 11.87 15.43 -18.79
N GLU A 160 12.41 16.64 -18.94
CA GLU A 160 12.87 17.09 -20.25
C GLU A 160 14.11 16.35 -20.72
N ASN A 161 14.87 15.79 -19.79
CA ASN A 161 15.99 14.93 -20.10
C ASN A 161 15.66 13.43 -20.05
N GLY A 162 14.39 13.05 -19.92
CA GLY A 162 14.04 11.64 -19.91
C GLY A 162 14.60 10.89 -18.70
N ILE A 163 14.69 11.56 -17.55
CA ILE A 163 15.21 10.92 -16.32
C ILE A 163 14.09 10.94 -15.29
N ASN A 164 13.86 9.79 -14.65
CA ASN A 164 12.78 9.59 -13.68
C ASN A 164 13.38 9.49 -12.28
N ARG A 165 12.75 10.15 -11.29
CA ARG A 165 13.34 10.22 -9.93
C ARG A 165 12.66 9.25 -8.96
N ILE A 166 13.46 8.53 -8.16
CA ILE A 166 12.92 7.67 -7.09
C ILE A 166 13.65 8.12 -5.82
N GLY A 167 13.05 9.05 -5.07
CA GLY A 167 13.73 9.61 -3.89
C GLY A 167 14.99 10.34 -4.34
N ASN A 168 16.17 9.92 -3.88
CA ASN A 168 17.43 10.52 -4.37
C ASN A 168 18.12 9.61 -5.40
N LEU A 169 17.39 8.72 -6.04
CA LEU A 169 17.88 7.86 -7.10
C LEU A 169 17.30 8.29 -8.43
N LEU A 170 17.96 7.86 -9.53
CA LEU A 170 17.52 8.27 -10.87
C LEU A 170 17.55 7.09 -11.81
N VAL A 171 16.53 6.97 -12.68
CA VAL A 171 16.45 5.90 -13.67
CA VAL A 171 16.56 5.93 -13.70
C VAL A 171 16.12 6.54 -15.03
N PRO A 172 16.94 6.37 -16.07
CA PRO A 172 16.60 6.91 -17.40
C PRO A 172 15.41 6.19 -18.03
N ASN A 173 14.65 6.93 -18.86
CA ASN A 173 13.55 6.28 -19.57
C ASN A 173 14.01 5.05 -20.33
N GLU A 174 15.23 5.11 -20.85
CA GLU A 174 15.73 4.00 -21.68
C GLU A 174 15.75 2.68 -20.92
N ASN A 175 15.89 2.69 -19.58
CA ASN A 175 15.82 1.44 -18.82
C ASN A 175 14.54 0.69 -19.14
N TYR A 176 13.44 1.45 -19.28
CA TYR A 176 12.13 0.83 -19.50
C TYR A 176 11.98 0.38 -20.99
N CSS A 177 12.64 1.09 -21.91
CA CSS A 177 12.72 0.59 -23.31
CB CSS A 177 13.44 1.57 -24.24
SG CSS A 177 12.52 3.09 -24.32
SD CSS A 177 10.48 2.60 -24.64
C CSS A 177 13.43 -0.76 -23.37
O CSS A 177 13.00 -1.69 -24.03
HD CSS A 177 9.97 3.83 -24.66
N LYS A 178 14.55 -0.91 -22.65
CA LYS A 178 15.18 -2.25 -22.56
C LYS A 178 14.28 -3.31 -21.93
N PHE A 179 13.54 -2.90 -20.88
CA PHE A 179 12.60 -3.81 -20.24
C PHE A 179 11.54 -4.26 -21.23
N GLU A 180 10.98 -3.31 -21.96
CA GLU A 180 9.97 -3.64 -22.98
C GLU A 180 10.51 -4.70 -23.96
N ASP A 181 11.67 -4.45 -24.55
CA ASP A 181 12.23 -5.41 -25.51
C ASP A 181 12.41 -6.79 -24.91
N TRP A 182 12.83 -6.85 -23.65
CA TRP A 182 13.04 -8.14 -22.99
C TRP A 182 11.73 -8.85 -22.68
N LEU A 183 10.72 -8.09 -22.25
CA LEU A 183 9.49 -8.67 -21.72
C LEU A 183 8.51 -9.10 -22.82
N MET A 184 8.45 -8.38 -23.93
CA MET A 184 7.37 -8.67 -24.88
C MET A 184 7.36 -10.12 -25.35
N PRO A 185 8.49 -10.74 -25.71
CA PRO A 185 8.43 -12.15 -26.14
C PRO A 185 7.98 -13.07 -25.07
N ILE A 186 8.30 -12.76 -23.81
CA ILE A 186 7.85 -13.62 -22.71
C ILE A 186 6.35 -13.53 -22.54
N LEU A 187 5.79 -12.31 -22.66
CA LEU A 187 4.34 -12.18 -22.59
C LEU A 187 3.64 -12.97 -23.72
N ASP A 188 4.17 -12.92 -24.94
CA ASP A 188 3.69 -13.81 -26.01
C ASP A 188 3.61 -15.26 -25.55
N GLN A 189 4.70 -15.77 -24.95
CA GLN A 189 4.67 -17.18 -24.56
C GLN A 189 3.64 -17.41 -23.47
N MET A 190 3.49 -16.46 -22.53
CA MET A 190 2.51 -16.67 -21.47
C MET A 190 1.10 -16.78 -22.03
N VAL A 191 0.77 -15.92 -23.01
CA VAL A 191 -0.59 -16.01 -23.56
C VAL A 191 -0.77 -17.34 -24.28
N MET A 192 0.23 -17.76 -25.06
CA MET A 192 0.15 -19.06 -25.75
C MET A 192 -0.04 -20.20 -24.75
N GLU A 193 0.72 -20.17 -23.62
CA GLU A 193 0.58 -21.26 -22.65
C GLU A 193 -0.77 -21.23 -21.95
N GLN A 194 -1.32 -20.04 -21.70
CA GLN A 194 -2.65 -19.97 -21.10
C GLN A 194 -3.69 -20.59 -22.03
N ASN A 195 -3.59 -20.29 -23.32
CA ASN A 195 -4.71 -20.58 -24.22
C ASN A 195 -4.64 -22.00 -24.77
N THR A 196 -3.46 -22.61 -24.80
CA THR A 196 -3.30 -23.96 -25.32
C THR A 196 -2.68 -24.97 -24.37
N GLU A 197 -2.13 -24.55 -23.22
CA GLU A 197 -1.65 -25.50 -22.22
C GLU A 197 -2.36 -25.36 -20.88
N GLY A 198 -3.46 -24.62 -20.84
CA GLY A 198 -4.26 -24.56 -19.65
C GLY A 198 -3.65 -23.83 -18.47
N VAL A 199 -2.55 -23.09 -18.66
CA VAL A 199 -1.97 -22.37 -17.52
C VAL A 199 -2.94 -21.29 -17.03
N LYS A 200 -3.17 -21.25 -15.71
CA LYS A 200 -3.99 -20.22 -15.06
C LYS A 200 -3.01 -19.31 -14.32
N TRP A 201 -2.62 -18.22 -14.98
CA TRP A 201 -1.61 -17.29 -14.44
C TRP A 201 -2.14 -16.54 -13.22
N THR A 202 -1.23 -16.29 -12.29
CA THR A 202 -1.46 -15.46 -11.10
C THR A 202 -0.20 -14.63 -10.95
N PRO A 203 -0.19 -13.58 -10.12
CA PRO A 203 1.09 -12.85 -9.96
C PRO A 203 2.24 -13.74 -9.53
N SER A 204 2.03 -14.57 -8.52
CA SER A 204 3.18 -15.37 -8.10
C SER A 204 3.69 -16.25 -9.24
N LYS A 205 2.78 -16.80 -10.05
CA LYS A 205 3.28 -17.70 -11.08
C LYS A 205 4.03 -16.90 -12.12
N MET A 206 3.53 -15.68 -12.44
CA MET A 206 4.24 -14.85 -13.40
C MET A 206 5.61 -14.45 -12.87
N ILE A 207 5.71 -14.13 -11.58
CA ILE A 207 7.00 -13.65 -11.04
C ILE A 207 8.03 -14.78 -11.06
N ALA A 208 7.58 -16.01 -10.80
CA ALA A 208 8.49 -17.17 -10.93
C ALA A 208 8.97 -17.29 -12.38
N ARG A 209 8.05 -17.12 -13.34
CA ARG A 209 8.47 -17.22 -14.72
C ARG A 209 9.47 -16.15 -15.05
N LEU A 210 9.22 -14.92 -14.58
CA LEU A 210 10.12 -13.82 -14.97
C LEU A 210 11.53 -14.03 -14.40
N GLY A 211 11.60 -14.58 -13.18
CA GLY A 211 12.90 -14.83 -12.56
C GLY A 211 13.66 -15.90 -13.32
N LYS A 212 12.95 -16.93 -13.79
CA LYS A 212 13.61 -17.97 -14.61
C LYS A 212 14.11 -17.38 -15.92
N GLU A 213 13.32 -16.50 -16.55
CA GLU A 213 13.73 -15.90 -17.82
C GLU A 213 14.91 -14.94 -17.65
N ILE A 214 14.92 -14.14 -16.57
CA ILE A 214 16.00 -13.17 -16.45
C ILE A 214 17.33 -13.89 -16.32
N ASN A 215 17.33 -15.07 -15.71
CA ASN A 215 18.47 -16.01 -15.82
C ASN A 215 19.78 -15.33 -15.42
N ASN A 216 19.77 -14.68 -14.24
CA ASN A 216 20.89 -13.80 -13.92
C ASN A 216 21.04 -13.86 -12.40
N PRO A 217 22.20 -14.29 -11.87
CA PRO A 217 22.29 -14.47 -10.41
C PRO A 217 22.33 -13.17 -9.61
N GLU A 218 22.35 -11.99 -10.24
CA GLU A 218 22.14 -10.75 -9.47
C GLU A 218 20.67 -10.50 -9.12
N SER A 219 19.73 -11.24 -9.73
CA SER A 219 18.28 -11.02 -9.55
C SER A 219 17.70 -11.76 -8.34
N VAL A 220 16.96 -11.01 -7.48
CA VAL A 220 16.18 -11.66 -6.40
C VAL A 220 15.29 -12.78 -6.97
N TYR A 221 14.55 -12.48 -8.08
CA TYR A 221 13.50 -13.41 -8.49
C TYR A 221 14.06 -14.61 -9.26
N TYR A 222 15.25 -14.47 -9.81
CA TYR A 222 15.96 -15.65 -10.29
C TYR A 222 16.18 -16.63 -9.14
N TRP A 223 16.77 -16.15 -8.04
CA TRP A 223 16.97 -17.04 -6.90
C TRP A 223 15.66 -17.54 -6.32
N ALA A 224 14.63 -16.68 -6.20
CA ALA A 224 13.38 -17.12 -5.58
C ALA A 224 12.78 -18.33 -6.31
N GLN A 225 12.75 -18.29 -7.64
CA GLN A 225 12.10 -19.43 -8.30
C GLN A 225 13.00 -20.67 -8.25
N LYS A 226 14.32 -20.48 -8.32
CA LYS A 226 15.24 -21.62 -8.22
C LYS A 226 15.05 -22.36 -6.91
N ASN A 227 14.76 -21.62 -5.82
CA ASN A 227 14.68 -22.15 -4.46
C ASN A 227 13.26 -22.38 -4.04
N HIS A 228 12.31 -22.23 -4.96
CA HIS A 228 10.90 -22.46 -4.69
C HIS A 228 10.39 -21.54 -3.57
N ILE A 229 10.78 -20.27 -3.63
CA ILE A 229 10.26 -19.28 -2.70
C ILE A 229 9.22 -18.48 -3.47
N PRO A 230 7.95 -18.57 -3.13
CA PRO A 230 6.92 -17.83 -3.88
C PRO A 230 6.97 -16.35 -3.54
N VAL A 231 6.53 -15.53 -4.50
CA VAL A 231 6.49 -14.07 -4.37
C VAL A 231 5.04 -13.65 -4.60
N PHE A 232 4.41 -13.06 -3.59
CA PHE A 232 3.03 -12.60 -3.73
C PHE A 232 3.05 -11.10 -3.97
N SER A 233 2.17 -10.65 -4.89
CA SER A 233 2.16 -9.22 -5.25
C SER A 233 0.77 -8.96 -5.85
N PRO A 234 -0.26 -8.84 -5.01
CA PRO A 234 -1.62 -8.87 -5.54
C PRO A 234 -2.01 -7.66 -6.37
N ALA A 235 -1.28 -6.54 -6.33
CA ALA A 235 -1.49 -5.46 -7.30
C ALA A 235 -0.34 -5.37 -8.30
N LEU A 236 -0.04 -6.50 -8.97
CA LEU A 236 1.16 -6.55 -9.80
C LEU A 236 1.04 -5.65 -11.03
N THR A 237 -0.19 -5.26 -11.37
CA THR A 237 -0.39 -4.34 -12.50
C THR A 237 0.02 -2.89 -12.20
N ASP A 238 0.45 -2.56 -10.99
CA ASP A 238 0.57 -1.15 -10.63
C ASP A 238 2.03 -0.72 -10.79
N GLY A 239 2.44 -0.59 -12.06
CA GLY A 239 3.80 -0.12 -12.33
C GLY A 239 4.15 -0.38 -13.78
N SER A 240 5.45 -0.56 -14.03
CA SER A 240 5.92 -0.72 -15.42
CA SER A 240 5.93 -0.72 -15.42
C SER A 240 5.52 -2.07 -16.01
N LEU A 241 5.57 -3.15 -15.21
CA LEU A 241 5.06 -4.44 -15.68
C LEU A 241 3.61 -4.30 -16.11
N GLY A 242 2.84 -3.51 -15.35
CA GLY A 242 1.50 -3.17 -15.74
C GLY A 242 1.44 -2.45 -17.09
N ASP A 243 2.23 -1.38 -17.26
CA ASP A 243 2.29 -0.68 -18.55
C ASP A 243 2.51 -1.68 -19.69
N MET A 244 3.47 -2.58 -19.49
CA MET A 244 3.83 -3.51 -20.57
C MET A 244 2.73 -4.50 -20.84
N ILE A 245 2.07 -5.02 -19.78
CA ILE A 245 0.97 -5.95 -19.98
C ILE A 245 -0.13 -5.23 -20.75
N PHE A 246 -0.34 -3.98 -20.39
CA PHE A 246 -1.35 -3.14 -21.03
C PHE A 246 -1.04 -2.95 -22.51
N PHE A 247 0.15 -2.46 -22.84
CA PHE A 247 0.47 -2.26 -24.25
C PHE A 247 0.46 -3.59 -24.99
N HIS A 248 0.98 -4.64 -24.35
CA HIS A 248 1.04 -5.95 -25.01
C HIS A 248 -0.37 -6.46 -25.36
N SER A 249 -1.37 -6.23 -24.49
CA SER A 249 -2.70 -6.78 -24.71
C SER A 249 -3.39 -6.21 -25.96
N TYR A 250 -2.95 -5.09 -26.49
CA TYR A 250 -3.52 -4.54 -27.75
C TYR A 250 -2.86 -5.14 -28.97
N LYS A 251 -1.70 -5.79 -28.79
CA LYS A 251 -1.01 -6.60 -29.80
C LYS A 251 -1.33 -8.09 -29.68
N ASN A 252 -1.73 -8.55 -28.49
CA ASN A 252 -1.88 -9.97 -28.31
C ASN A 252 -2.87 -10.13 -27.17
N PRO A 253 -4.18 -10.04 -27.43
CA PRO A 253 -5.15 -9.97 -26.33
C PRO A 253 -5.27 -11.28 -25.56
N GLY A 254 -5.75 -11.15 -24.32
CA GLY A 254 -6.28 -12.29 -23.59
C GLY A 254 -5.55 -12.67 -22.31
N LEU A 255 -4.37 -12.12 -21.99
CA LEU A 255 -3.72 -12.53 -20.73
C LEU A 255 -4.63 -12.18 -19.55
N VAL A 256 -4.83 -13.16 -18.64
CA VAL A 256 -5.54 -12.96 -17.37
C VAL A 256 -4.56 -13.21 -16.21
N LEU A 257 -4.60 -12.35 -15.17
CA LEU A 257 -3.86 -12.60 -13.92
C LEU A 257 -4.88 -12.67 -12.79
N ASP A 258 -5.08 -13.85 -12.25
CA ASP A 258 -6.05 -14.08 -11.20
C ASP A 258 -5.40 -13.82 -9.84
N ILE A 259 -6.10 -13.13 -8.93
CA ILE A 259 -5.56 -12.96 -7.56
C ILE A 259 -6.18 -13.92 -6.55
N VAL A 260 -7.28 -14.60 -6.90
CA VAL A 260 -7.91 -15.47 -5.90
C VAL A 260 -7.01 -16.66 -5.57
N GLU A 261 -6.37 -17.27 -6.59
CA GLU A 261 -5.61 -18.48 -6.30
C GLU A 261 -4.38 -18.13 -5.46
N ASP A 262 -3.79 -16.92 -5.70
CA ASP A 262 -2.63 -16.49 -4.91
C ASP A 262 -3.02 -16.22 -3.47
N LEU A 263 -4.27 -15.82 -3.22
CA LEU A 263 -4.74 -15.68 -1.85
C LEU A 263 -4.73 -17.03 -1.14
N ARG A 264 -5.19 -18.07 -1.85
CA ARG A 264 -5.18 -19.41 -1.26
C ARG A 264 -3.75 -19.87 -0.97
N LEU A 265 -2.81 -19.55 -1.86
CA LEU A 265 -1.43 -19.99 -1.72
C LEU A 265 -0.74 -19.32 -0.52
N ILE A 266 -0.93 -18.00 -0.35
CA ILE A 266 -0.25 -17.34 0.76
C ILE A 266 -0.88 -17.73 2.08
N ASN A 267 -2.21 -17.81 2.13
CA ASN A 267 -2.85 -18.09 3.41
C ASN A 267 -2.49 -19.49 3.89
N THR A 268 -2.40 -20.45 2.96
CA THR A 268 -2.07 -21.81 3.40
C THR A 268 -0.61 -21.89 3.83
N GLN A 269 0.26 -21.00 3.32
CA GLN A 269 1.62 -20.96 3.88
C GLN A 269 1.59 -20.63 5.36
N ALA A 270 0.67 -19.76 5.79
CA ALA A 270 0.61 -19.45 7.21
C ALA A 270 -0.12 -20.54 7.98
N ILE A 271 -1.22 -21.06 7.41
CA ILE A 271 -2.06 -21.97 8.18
C ILE A 271 -1.27 -23.22 8.57
N PHE A 272 -0.50 -23.77 7.62
CA PHE A 272 0.17 -25.05 7.81
C PHE A 272 1.62 -24.88 8.27
N ALA A 273 1.94 -23.75 8.87
CA ALA A 273 3.27 -23.56 9.42
C ALA A 273 3.32 -24.13 10.84
N LYS A 274 4.51 -24.57 11.24
CA LYS A 274 4.77 -24.91 12.63
C LYS A 274 4.90 -23.66 13.48
N CYS A 275 5.63 -22.67 12.98
CA CYS A 275 5.90 -21.38 13.58
C CYS A 275 5.99 -20.40 12.42
N THR A 276 5.68 -19.10 12.68
CA THR A 276 5.95 -18.10 11.65
C THR A 276 6.66 -16.88 12.25
N GLY A 277 7.53 -16.28 11.45
CA GLY A 277 8.00 -14.94 11.73
C GLY A 277 7.70 -14.01 10.55
N MET A 278 7.57 -12.73 10.86
CA MET A 278 7.34 -11.69 9.84
C MET A 278 8.48 -10.68 9.94
N ILE A 279 9.13 -10.40 8.82
CA ILE A 279 10.12 -9.31 8.74
C ILE A 279 9.58 -8.36 7.67
N ILE A 280 9.17 -7.17 8.07
CA ILE A 280 8.40 -6.32 7.16
C ILE A 280 9.13 -4.99 7.04
N LEU A 281 9.58 -4.65 5.81
CA LEU A 281 10.27 -3.41 5.54
C LEU A 281 9.30 -2.49 4.78
N GLY A 282 8.85 -1.44 5.45
CA GLY A 282 7.87 -0.51 4.88
C GLY A 282 6.42 -0.87 5.20
N GLY A 283 5.54 -0.10 4.55
CA GLY A 283 4.11 -0.26 4.85
C GLY A 283 3.28 -0.65 3.64
N GLY A 284 1.98 -0.30 3.66
CA GLY A 284 1.09 -0.56 2.52
C GLY A 284 0.72 -2.04 2.42
N VAL A 285 0.42 -2.49 1.19
CA VAL A 285 -0.04 -3.86 0.95
CA VAL A 285 -0.07 -3.86 1.02
C VAL A 285 0.93 -4.89 1.50
N VAL A 286 2.25 -4.65 1.34
CA VAL A 286 3.19 -5.71 1.71
C VAL A 286 3.11 -6.01 3.20
N LYS A 287 2.87 -4.99 4.01
CA LYS A 287 2.75 -5.19 5.47
C LYS A 287 1.41 -5.83 5.79
N HIS A 288 0.33 -5.29 5.23
CA HIS A 288 -1.00 -5.78 5.59
C HIS A 288 -1.22 -7.21 5.08
N HIS A 289 -0.67 -7.54 3.91
CA HIS A 289 -0.98 -8.85 3.32
C HIS A 289 -0.29 -9.98 4.09
N ILE A 290 0.96 -9.76 4.51
CA ILE A 290 1.64 -10.74 5.36
C ILE A 290 0.93 -10.88 6.69
N ALA A 291 0.60 -9.74 7.34
CA ALA A 291 -0.02 -9.81 8.64
C ALA A 291 -1.39 -10.49 8.57
N ASN A 292 -2.17 -10.19 7.53
CA ASN A 292 -3.49 -10.81 7.40
C ASN A 292 -3.39 -12.32 7.16
N ALA A 293 -2.44 -12.77 6.35
CA ALA A 293 -2.21 -14.21 6.20
C ALA A 293 -1.97 -14.85 7.56
N ASN A 294 -1.21 -14.17 8.42
CA ASN A 294 -0.88 -14.78 9.70
C ASN A 294 -2.06 -14.78 10.67
N LEU A 295 -3.09 -13.93 10.46
CA LEU A 295 -4.31 -14.03 11.28
C LEU A 295 -4.95 -15.43 11.13
N MET A 296 -4.74 -16.08 9.99
CA MET A 296 -5.33 -17.40 9.69
C MET A 296 -4.80 -18.51 10.59
N ARG A 297 -3.70 -18.28 11.31
CA ARG A 297 -3.18 -19.21 12.31
C ARG A 297 -3.28 -18.63 13.73
N ASN A 298 -4.11 -17.61 13.89
CA ASN A 298 -4.25 -16.90 15.15
C ASN A 298 -2.97 -16.15 15.52
N GLY A 299 -2.14 -15.81 14.53
CA GLY A 299 -1.07 -14.85 14.83
C GLY A 299 0.33 -15.34 14.59
N ALA A 300 1.24 -14.45 14.15
CA ALA A 300 2.65 -14.80 14.00
C ALA A 300 3.32 -14.96 15.35
N ASP A 301 4.36 -15.82 15.39
CA ASP A 301 5.09 -16.06 16.62
C ASP A 301 6.15 -15.01 16.86
N TYR A 302 6.77 -14.49 15.78
CA TYR A 302 7.80 -13.45 15.86
C TYR A 302 7.52 -12.38 14.80
N ALA A 303 7.89 -11.12 15.09
CA ALA A 303 7.66 -10.06 14.09
C ALA A 303 8.62 -8.90 14.33
N VAL A 304 9.21 -8.41 13.23
CA VAL A 304 10.00 -7.19 13.19
C VAL A 304 9.44 -6.31 12.06
N TYR A 305 9.11 -5.06 12.41
CA TYR A 305 8.76 -4.00 11.44
C TYR A 305 9.93 -3.03 11.37
N ILE A 306 10.31 -2.58 10.16
CA ILE A 306 11.26 -1.47 10.03
C ILE A 306 10.58 -0.51 9.05
N ASN A 307 10.17 0.66 9.52
CA ASN A 307 9.55 1.63 8.61
C ASN A 307 9.55 2.98 9.31
N THR A 308 9.25 4.02 8.55
CA THR A 308 9.26 5.38 9.06
C THR A 308 7.85 5.93 9.20
N ALA A 309 6.82 5.09 9.05
CA ALA A 309 5.45 5.60 9.15
C ALA A 309 5.08 5.82 10.63
N GLN A 310 4.14 6.74 10.86
CA GLN A 310 3.72 7.08 12.22
C GLN A 310 2.25 6.74 12.41
N GLU A 311 1.86 6.40 13.66
CA GLU A 311 0.50 5.87 13.88
C GLU A 311 -0.58 6.93 13.78
N PHE A 312 -0.26 8.23 13.96
CA PHE A 312 -1.27 9.18 14.41
C PHE A 312 -2.39 9.43 13.39
N ASP A 313 -2.17 9.14 12.10
CA ASP A 313 -3.23 9.33 11.11
C ASP A 313 -4.11 8.06 10.95
N GLY A 314 -3.94 7.08 11.82
CA GLY A 314 -4.70 5.84 11.76
C GLY A 314 -4.32 4.88 10.65
N SER A 315 -3.29 5.17 9.86
CA SER A 315 -2.94 4.31 8.72
C SER A 315 -2.46 2.94 9.18
N ASP A 316 -2.76 1.91 8.36
CA ASP A 316 -2.17 0.61 8.64
C ASP A 316 -0.66 0.68 8.55
N SER A 317 -0.14 1.47 7.60
CA SER A 317 1.34 1.56 7.51
C SER A 317 1.99 1.97 8.81
N GLY A 318 1.38 2.94 9.52
CA GLY A 318 1.95 3.54 10.71
C GLY A 318 1.54 2.81 11.99
N ALA A 319 0.70 1.78 11.89
CA ALA A 319 0.26 1.09 13.11
C ALA A 319 1.40 0.34 13.78
N ARG A 320 1.49 0.45 15.11
CA ARG A 320 2.48 -0.29 15.89
C ARG A 320 2.17 -1.81 15.84
N PRO A 321 3.14 -2.68 16.13
CA PRO A 321 2.83 -4.13 16.19
C PRO A 321 1.68 -4.44 17.18
N ASP A 322 1.56 -3.66 18.25
CA ASP A 322 0.47 -3.95 19.21
C ASP A 322 -0.91 -3.73 18.63
N GLU A 323 -1.05 -2.92 17.57
CA GLU A 323 -2.34 -2.91 16.90
C GLU A 323 -2.63 -4.26 16.26
N ALA A 324 -1.62 -4.88 15.66
CA ALA A 324 -1.80 -6.17 15.01
C ALA A 324 -2.17 -7.24 16.03
N VAL A 325 -1.67 -7.12 17.26
CA VAL A 325 -2.07 -8.06 18.32
C VAL A 325 -3.59 -8.01 18.53
N SER A 326 -4.17 -6.80 18.51
CA SER A 326 -5.62 -6.71 18.72
C SER A 326 -6.43 -7.52 17.69
N TRP A 327 -5.93 -7.61 16.45
CA TRP A 327 -6.59 -8.30 15.35
C TRP A 327 -6.42 -9.81 15.40
N GLY A 328 -5.43 -10.30 16.15
CA GLY A 328 -4.99 -11.69 16.01
C GLY A 328 -3.89 -11.93 14.99
N LYS A 329 -3.25 -10.85 14.46
CA LYS A 329 -2.24 -11.05 13.42
C LYS A 329 -0.88 -11.36 14.00
N ILE A 330 -0.66 -10.95 15.24
CA ILE A 330 0.53 -11.29 16.01
C ILE A 330 0.05 -11.90 17.33
N ARG A 331 0.68 -12.99 17.74
CA ARG A 331 0.17 -13.69 18.94
C ARG A 331 0.28 -12.80 20.17
N VAL A 332 -0.69 -12.95 21.06
CA VAL A 332 -0.63 -12.21 22.32
C VAL A 332 0.66 -12.44 23.09
N ASP A 333 1.29 -13.60 22.97
CA ASP A 333 2.50 -13.88 23.75
C ASP A 333 3.79 -13.62 22.97
N ALA A 334 3.68 -13.05 21.77
CA ALA A 334 4.88 -12.67 21.04
C ALA A 334 5.46 -11.40 21.65
N GLN A 335 6.71 -11.12 21.29
CA GLN A 335 7.42 -9.93 21.75
C GLN A 335 7.92 -9.19 20.51
N PRO A 336 7.00 -8.65 19.72
CA PRO A 336 7.39 -8.05 18.44
C PRO A 336 8.11 -6.73 18.66
N VAL A 337 8.77 -6.24 17.60
CA VAL A 337 9.64 -5.07 17.65
C VAL A 337 9.39 -4.24 16.41
N LYS A 338 9.30 -2.93 16.56
CA LYS A 338 9.41 -2.02 15.40
C LYS A 338 10.64 -1.15 15.60
N VAL A 339 11.48 -1.05 14.54
CA VAL A 339 12.54 -0.03 14.49
C VAL A 339 12.03 1.10 13.62
N TYR A 340 12.02 2.33 14.15
CA TYR A 340 11.53 3.54 13.43
C TYR A 340 12.75 4.11 12.69
N ALA A 341 12.96 3.64 11.46
CA ALA A 341 14.15 4.06 10.72
C ALA A 341 13.95 3.75 9.24
N ASP A 342 14.66 4.51 8.40
CA ASP A 342 14.86 4.11 6.99
C ASP A 342 15.58 2.74 6.90
N ALA A 343 14.95 1.75 6.25
CA ALA A 343 15.53 0.42 6.17
C ALA A 343 16.86 0.40 5.40
N SER A 344 17.14 1.44 4.59
CA SER A 344 18.39 1.43 3.86
C SER A 344 19.58 1.53 4.81
N LEU A 345 19.37 2.13 5.97
CA LEU A 345 20.41 2.26 7.00
C LEU A 345 20.44 0.98 7.84
N VAL A 346 19.29 0.51 8.30
CA VAL A 346 19.37 -0.52 9.32
C VAL A 346 19.26 -1.96 8.79
N PHE A 347 18.68 -2.18 7.57
CA PHE A 347 18.52 -3.62 7.23
C PHE A 347 19.86 -4.34 6.98
N PRO A 348 20.87 -3.72 6.33
CA PRO A 348 22.16 -4.42 6.17
C PRO A 348 22.80 -4.73 7.52
N LEU A 349 22.72 -3.78 8.46
CA LEU A 349 23.23 -4.02 9.83
C LEU A 349 22.49 -5.18 10.46
N LEU A 350 21.16 -5.21 10.32
CA LEU A 350 20.40 -6.31 10.90
C LEU A 350 20.84 -7.66 10.32
N VAL A 351 20.97 -7.73 8.99
CA VAL A 351 21.39 -8.98 8.34
C VAL A 351 22.79 -9.38 8.82
N ALA A 352 23.69 -8.39 8.93
CA ALA A 352 25.08 -8.66 9.38
C ALA A 352 25.09 -9.40 10.74
N GLU A 353 24.13 -9.09 11.60
CA GLU A 353 24.09 -9.59 12.97
C GLU A 353 23.23 -10.82 13.13
N THR A 354 22.54 -11.25 12.06
CA THR A 354 21.58 -12.33 12.19
C THR A 354 21.87 -13.39 11.13
N PHE A 355 21.19 -13.31 9.98
CA PHE A 355 21.33 -14.33 8.95
C PHE A 355 22.78 -14.52 8.51
N ALA A 356 23.56 -13.45 8.38
CA ALA A 356 24.89 -13.61 7.81
C ALA A 356 25.84 -14.29 8.79
N GLN A 357 25.51 -14.28 10.06
CA GLN A 357 26.25 -15.01 11.10
C GLN A 357 25.96 -16.50 11.10
N LYS A 358 24.83 -16.89 10.53
CA LYS A 358 24.34 -18.27 10.53
C LYS A 358 24.56 -18.92 9.21
N MET A 359 25.45 -18.36 8.41
CA MET A 359 25.62 -18.84 7.05
C MET A 359 26.03 -20.31 7.03
N ASP A 360 26.86 -20.73 8.01
CA ASP A 360 27.30 -22.13 8.08
C ASP A 360 26.10 -23.08 8.22
N ALA A 361 25.14 -22.77 9.10
CA ALA A 361 23.96 -23.60 9.25
C ALA A 361 23.11 -23.64 7.98
N PHE A 362 23.10 -22.57 7.20
CA PHE A 362 22.33 -22.61 5.96
C PHE A 362 23.13 -23.27 4.84
N MET A 363 24.04 -24.20 5.21
CA MET A 363 24.67 -25.15 4.26
C MET A 363 25.02 -26.49 4.92
N SER B 28 3.45 40.00 -4.64
CA SER B 28 4.01 39.57 -3.36
C SER B 28 3.00 39.61 -2.24
N THR B 29 2.53 38.47 -1.78
CA THR B 29 1.46 38.44 -0.77
C THR B 29 2.05 38.41 0.62
N GLN B 30 1.53 39.27 1.48
CA GLN B 30 1.99 39.39 2.86
C GLN B 30 1.35 38.35 3.76
N VAL B 31 2.13 37.88 4.73
CA VAL B 31 1.58 37.01 5.76
C VAL B 31 0.65 37.80 6.69
N ARG B 32 -0.51 37.24 7.00
CA ARG B 32 -1.50 37.89 7.90
C ARG B 32 -2.52 36.84 8.31
N GLY B 33 -2.73 36.63 9.61
CA GLY B 33 -3.68 35.64 10.08
C GLY B 33 -5.08 36.27 10.31
N TYR B 34 -6.10 35.43 10.39
CA TYR B 34 -7.44 35.90 10.71
C TYR B 34 -7.43 36.64 12.05
N ASP B 35 -8.10 37.79 12.07
CA ASP B 35 -8.21 38.62 13.28
C ASP B 35 -9.53 38.31 14.02
N PHE B 36 -9.44 37.63 15.15
CA PHE B 36 -10.72 37.30 15.81
C PHE B 36 -11.44 38.53 16.43
N ASN B 37 -10.82 39.70 16.45
CA ASN B 37 -11.57 40.90 16.82
C ASN B 37 -12.74 41.13 15.86
N ARG B 38 -12.73 40.48 14.71
CA ARG B 38 -13.82 40.60 13.75
C ARG B 38 -15.02 39.72 14.13
N GLY B 39 -14.90 38.94 15.18
CA GLY B 39 -15.79 37.86 15.51
C GLY B 39 -15.44 36.56 14.79
N VAL B 40 -16.29 35.57 14.99
CA VAL B 40 -16.06 34.25 14.42
C VAL B 40 -16.84 34.20 13.11
N ASN B 41 -16.22 34.74 12.04
CA ASN B 41 -16.74 34.68 10.68
C ASN B 41 -16.06 33.48 10.00
N TYR B 42 -16.69 32.31 10.04
CA TYR B 42 -16.08 31.03 9.58
C TYR B 42 -15.53 31.08 8.16
N ARG B 43 -16.28 31.58 7.16
CA ARG B 43 -15.76 31.58 5.80
C ARG B 43 -14.51 32.47 5.67
N ALA B 44 -14.52 33.60 6.38
CA ALA B 44 -13.34 34.50 6.38
C ALA B 44 -12.17 33.83 7.10
N LEU B 45 -12.44 33.13 8.20
CA LEU B 45 -11.40 32.36 8.89
C LEU B 45 -10.73 31.32 7.97
N LEU B 46 -11.54 30.55 7.24
CA LEU B 46 -10.99 29.57 6.29
C LEU B 46 -10.26 30.26 5.16
N GLU B 47 -10.80 31.37 4.63
CA GLU B 47 -10.11 32.06 3.56
C GLU B 47 -8.73 32.56 4.00
N ALA B 48 -8.61 32.92 5.28
CA ALA B 48 -7.35 33.41 5.87
C ALA B 48 -6.27 32.32 5.94
N PHE B 49 -6.60 31.01 5.78
CA PHE B 49 -5.53 29.99 5.75
CA PHE B 49 -5.49 30.06 5.83
C PHE B 49 -4.45 30.35 4.73
N GLY B 50 -4.89 30.86 3.57
CA GLY B 50 -3.95 31.07 2.46
C GLY B 50 -2.80 32.01 2.78
N THR B 51 -3.04 33.04 3.59
CA THR B 51 -1.99 33.98 3.95
C THR B 51 -1.43 33.71 5.34
N THR B 52 -1.80 32.56 5.96
CA THR B 52 -1.30 32.27 7.30
C THR B 52 0.10 31.60 7.26
N GLY B 53 0.44 30.86 6.20
CA GLY B 53 1.78 30.29 6.09
C GLY B 53 1.80 28.78 6.39
N PHE B 54 2.96 28.16 6.10
CA PHE B 54 3.19 26.73 6.34
C PHE B 54 2.05 25.90 5.77
N GLN B 55 1.52 24.88 6.50
CA GLN B 55 0.52 24.06 5.82
C GLN B 55 -0.84 24.77 5.68
N ALA B 56 -1.08 25.86 6.43
CA ALA B 56 -2.32 26.62 6.17
C ALA B 56 -2.27 27.22 4.79
N THR B 57 -1.09 27.72 4.36
CA THR B 57 -1.01 28.23 2.98
C THR B 57 -1.17 27.09 1.98
N ASN B 58 -0.57 25.93 2.23
CA ASN B 58 -0.75 24.84 1.27
C ASN B 58 -2.22 24.41 1.22
N PHE B 59 -2.94 24.49 2.34
CA PHE B 59 -4.40 24.23 2.29
C PHE B 59 -5.08 25.23 1.36
N GLY B 60 -4.75 26.51 1.50
CA GLY B 60 -5.32 27.51 0.60
C GLY B 60 -5.01 27.20 -0.85
N ARG B 61 -3.78 26.74 -1.14
N ARG B 61 -3.77 26.74 -1.13
CA ARG B 61 -3.45 26.37 -2.52
CA ARG B 61 -3.43 26.38 -2.52
C ARG B 61 -4.25 25.15 -2.96
C ARG B 61 -4.20 25.14 -2.97
N ALA B 62 -4.53 24.23 -2.05
CA ALA B 62 -5.30 23.05 -2.44
C ALA B 62 -6.74 23.45 -2.77
N VAL B 63 -7.31 24.39 -2.00
CA VAL B 63 -8.65 24.92 -2.35
C VAL B 63 -8.63 25.48 -3.76
N GLN B 64 -7.61 26.28 -4.10
CA GLN B 64 -7.51 26.83 -5.44
C GLN B 64 -7.36 25.74 -6.51
N GLN B 65 -6.53 24.70 -6.26
CA GLN B 65 -6.37 23.61 -7.25
C GLN B 65 -7.68 22.87 -7.46
N VAL B 66 -8.37 22.56 -6.36
CA VAL B 66 -9.62 21.80 -6.51
C VAL B 66 -10.66 22.68 -7.19
N ASN B 67 -10.73 23.97 -6.82
CA ASN B 67 -11.74 24.81 -7.50
C ASN B 67 -11.41 24.96 -8.99
N ALA B 68 -10.13 24.85 -9.33
CA ALA B 68 -9.78 24.89 -10.76
C ALA B 68 -10.25 23.61 -11.45
N MET B 69 -10.16 22.45 -10.77
CA MET B 69 -10.70 21.23 -11.36
C MET B 69 -12.18 21.37 -11.60
N ILE B 70 -12.88 21.97 -10.63
CA ILE B 70 -14.34 22.07 -10.70
C ILE B 70 -14.74 23.04 -11.82
N GLU B 71 -14.08 24.20 -11.90
N GLU B 71 -14.13 24.23 -11.83
CA GLU B 71 -14.42 25.17 -12.93
CA GLU B 71 -14.34 25.18 -12.91
C GLU B 71 -14.07 24.65 -14.33
C GLU B 71 -14.19 24.48 -14.26
N LYS B 72 -13.05 23.80 -14.46
CA LYS B 72 -12.81 23.12 -15.74
C LYS B 72 -13.92 22.11 -16.02
N LYS B 73 -14.27 21.32 -15.01
CA LYS B 73 -15.26 20.27 -15.15
C LYS B 73 -16.57 20.82 -15.64
N LEU B 74 -16.93 22.03 -15.20
CA LEU B 74 -18.21 22.62 -15.57
C LEU B 74 -18.17 23.38 -16.90
N GLU B 75 -17.00 23.55 -17.50
N GLU B 75 -17.00 23.56 -17.50
CA GLU B 75 -16.91 24.14 -18.83
CA GLU B 75 -16.92 24.14 -18.83
C GLU B 75 -17.47 23.17 -19.86
C GLU B 75 -17.51 23.16 -19.84
N PRO B 76 -18.20 23.65 -20.87
CA PRO B 76 -18.79 22.72 -21.86
C PRO B 76 -17.72 22.01 -22.70
N LEU B 77 -18.08 20.82 -23.20
CA LEU B 77 -17.18 20.18 -24.17
C LEU B 77 -17.45 20.74 -25.56
N SER B 78 -16.40 21.21 -26.24
CA SER B 78 -16.53 21.60 -27.64
C SER B 78 -16.81 20.35 -28.49
N GLN B 79 -17.14 20.58 -29.77
CA GLN B 79 -17.44 19.43 -30.62
C GLN B 79 -16.24 18.50 -30.76
N ASP B 80 -15.05 19.09 -30.96
CA ASP B 80 -13.84 18.29 -31.08
C ASP B 80 -13.51 17.57 -29.78
N GLU B 81 -13.61 18.27 -28.65
CA GLU B 81 -13.32 17.63 -27.38
C GLU B 81 -14.31 16.51 -27.11
N ASP B 82 -15.57 16.77 -27.41
CA ASP B 82 -16.61 15.76 -27.20
C ASP B 82 -16.35 14.52 -28.04
N GLN B 83 -15.90 14.72 -29.28
CA GLN B 83 -15.58 13.59 -30.14
C GLN B 83 -14.54 12.70 -29.47
N HIS B 84 -13.39 13.27 -29.12
CA HIS B 84 -12.30 12.46 -28.60
C HIS B 84 -12.68 11.80 -27.27
N ALA B 85 -13.34 12.56 -26.39
CA ALA B 85 -13.65 12.01 -25.08
C ALA B 85 -14.74 10.93 -25.13
N ASP B 86 -15.57 10.90 -26.19
CA ASP B 86 -16.60 9.88 -26.34
C ASP B 86 -16.05 8.49 -26.68
N LEU B 87 -14.73 8.34 -26.82
CA LEU B 87 -14.13 7.11 -27.35
C LEU B 87 -13.97 6.01 -26.28
N THR B 88 -14.51 6.22 -25.08
CA THR B 88 -14.71 5.17 -24.09
C THR B 88 -16.05 4.48 -24.30
N GLN B 89 -16.10 3.19 -24.02
CA GLN B 89 -17.37 2.49 -23.97
C GLN B 89 -18.12 2.72 -22.66
N SER B 90 -17.82 3.79 -21.90
CA SER B 90 -18.34 3.94 -20.55
C SER B 90 -19.68 4.66 -20.51
N ARG B 91 -20.60 4.13 -19.69
CA ARG B 91 -21.94 4.68 -19.58
C ARG B 91 -21.95 6.06 -18.96
N ARG B 92 -20.91 6.44 -18.24
CA ARG B 92 -20.92 7.69 -17.51
C ARG B 92 -20.73 8.85 -18.48
N PRO B 93 -21.55 9.91 -18.41
CA PRO B 93 -21.40 11.04 -19.34
C PRO B 93 -20.05 11.73 -19.15
N LEU B 94 -19.41 12.09 -20.25
CA LEU B 94 -18.08 12.62 -20.02
C LEU B 94 -18.17 14.13 -19.76
N THR B 95 -17.14 14.66 -19.10
CA THR B 95 -17.11 16.06 -18.67
C THR B 95 -15.77 16.63 -19.06
N SER B 96 -15.62 17.93 -18.85
CA SER B 96 -14.38 18.56 -19.26
C SER B 96 -13.24 18.28 -18.31
N CYS B 97 -13.47 17.66 -17.16
CA CYS B 97 -12.32 17.32 -16.32
C CYS B 97 -12.67 16.06 -15.54
N THR B 98 -11.89 15.00 -15.75
CA THR B 98 -12.15 13.72 -15.13
C THR B 98 -11.35 13.71 -13.83
N ILE B 99 -12.03 13.59 -12.70
CA ILE B 99 -11.39 13.71 -11.40
C ILE B 99 -11.26 12.31 -10.79
N PHE B 100 -10.02 11.92 -10.46
CA PHE B 100 -9.71 10.66 -9.81
C PHE B 100 -9.62 10.94 -8.31
N LEU B 101 -10.39 10.24 -7.50
CA LEU B 101 -10.32 10.40 -6.05
C LEU B 101 -9.77 9.10 -5.45
N GLY B 102 -8.63 9.16 -4.74
CA GLY B 102 -8.03 7.96 -4.13
C GLY B 102 -7.95 8.15 -2.62
N TYR B 103 -8.12 7.05 -1.90
CA TYR B 103 -8.06 7.14 -0.43
C TYR B 103 -7.75 5.75 0.17
N THR B 104 -6.98 5.77 1.25
CA THR B 104 -6.61 4.56 1.96
C THR B 104 -7.77 4.05 2.85
N SER B 105 -7.64 2.78 3.30
CA SER B 105 -8.70 2.10 4.07
C SER B 105 -9.07 2.86 5.32
N ASN B 106 -8.07 3.36 6.07
CA ASN B 106 -8.36 4.04 7.33
C ASN B 106 -9.37 5.17 7.15
N LEU B 107 -9.40 5.83 5.98
CA LEU B 107 -10.30 6.97 5.83
C LEU B 107 -11.75 6.52 5.74
N ILE B 108 -11.96 5.28 5.25
CA ILE B 108 -13.34 4.71 5.25
C ILE B 108 -13.71 4.24 6.66
N SER B 109 -12.74 3.80 7.48
CA SER B 109 -13.07 3.53 8.88
C SER B 109 -13.50 4.81 9.60
N SER B 110 -12.82 5.92 9.31
CA SER B 110 -13.09 7.23 9.88
C SER B 110 -14.40 7.83 9.34
N GLY B 111 -14.80 8.97 9.90
CA GLY B 111 -15.98 9.65 9.37
C GLY B 111 -15.80 10.33 8.04
N ILE B 112 -14.57 10.32 7.47
CA ILE B 112 -14.42 10.78 6.09
C ILE B 112 -15.21 9.91 5.11
N ARG B 113 -15.60 8.70 5.52
CA ARG B 113 -16.54 7.89 4.74
C ARG B 113 -17.77 8.72 4.33
N GLU B 114 -18.29 9.53 5.27
CA GLU B 114 -19.44 10.39 4.93
C GLU B 114 -19.07 11.44 3.89
N THR B 115 -17.86 12.02 4.00
CA THR B 115 -17.46 13.05 3.02
C THR B 115 -17.37 12.45 1.62
N ILE B 116 -16.71 11.30 1.53
CA ILE B 116 -16.52 10.64 0.26
C ILE B 116 -17.88 10.19 -0.30
N ARG B 117 -18.74 9.65 0.56
CA ARG B 117 -20.08 9.26 0.09
C ARG B 117 -20.81 10.43 -0.56
N TYR B 118 -20.77 11.62 0.07
CA TYR B 118 -21.41 12.81 -0.49
C TYR B 118 -20.89 13.15 -1.89
N LEU B 119 -19.56 13.18 -2.05
CA LEU B 119 -19.01 13.51 -3.36
C LEU B 119 -19.50 12.51 -4.43
N VAL B 120 -19.50 11.24 -4.07
CA VAL B 120 -19.85 10.19 -5.04
C VAL B 120 -21.35 10.26 -5.34
N GLN B 121 -22.16 10.48 -4.29
CA GLN B 121 -23.61 10.59 -4.44
C GLN B 121 -24.00 11.67 -5.45
N HIS B 122 -23.28 12.79 -5.44
CA HIS B 122 -23.61 13.92 -6.31
C HIS B 122 -22.73 14.00 -7.55
N ASN B 123 -22.11 12.88 -7.97
CA ASN B 123 -21.38 12.83 -9.25
C ASN B 123 -20.28 13.86 -9.32
N MET B 124 -19.71 14.20 -8.17
CA MET B 124 -18.69 15.23 -8.20
C MET B 124 -17.32 14.72 -8.60
N VAL B 125 -17.06 13.42 -8.50
CA VAL B 125 -15.81 12.82 -8.95
C VAL B 125 -16.11 11.70 -9.93
N ASP B 126 -15.08 11.22 -10.66
CA ASP B 126 -15.37 10.33 -11.79
C ASP B 126 -14.81 8.92 -11.66
N VAL B 127 -13.72 8.74 -10.90
CA VAL B 127 -13.09 7.42 -10.71
C VAL B 127 -12.66 7.36 -9.26
N LEU B 128 -12.96 6.24 -8.60
CA LEU B 128 -12.47 6.00 -7.24
C LEU B 128 -11.36 4.95 -7.27
N VAL B 129 -10.34 5.12 -6.42
CA VAL B 129 -9.31 4.07 -6.22
C VAL B 129 -9.11 3.90 -4.72
N THR B 130 -9.26 2.68 -4.24
CA THR B 130 -9.09 2.44 -2.81
C THR B 130 -8.53 1.03 -2.60
N THR B 131 -8.11 0.77 -1.36
CA THR B 131 -7.69 -0.57 -1.00
C THR B 131 -8.86 -1.43 -0.56
N ALA B 132 -8.55 -2.72 -0.29
CA ALA B 132 -9.62 -3.65 0.09
C ALA B 132 -10.39 -3.15 1.30
N GLY B 133 -9.66 -2.72 2.35
CA GLY B 133 -10.31 -2.18 3.54
C GLY B 133 -11.28 -1.05 3.23
N GLY B 134 -10.90 -0.19 2.28
CA GLY B 134 -11.73 0.95 1.88
C GLY B 134 -12.99 0.54 1.13
N VAL B 135 -13.06 -0.71 0.66
CA VAL B 135 -14.34 -1.20 0.09
C VAL B 135 -15.15 -1.82 1.23
N GLU B 136 -14.56 -2.82 1.89
CA GLU B 136 -15.35 -3.64 2.82
C GLU B 136 -15.87 -2.83 4.02
N GLU B 137 -15.08 -1.87 4.55
CA GLU B 137 -15.56 -1.15 5.73
C GLU B 137 -16.74 -0.25 5.41
N ASP B 138 -16.86 0.22 4.17
CA ASP B 138 -18.05 0.97 3.82
C ASP B 138 -19.28 0.08 3.91
N LEU B 139 -19.18 -1.15 3.37
CA LEU B 139 -20.33 -2.06 3.35
C LEU B 139 -20.66 -2.49 4.77
N ILE B 140 -19.62 -2.80 5.56
CA ILE B 140 -19.85 -3.27 6.92
C ILE B 140 -20.52 -2.18 7.77
N LYS B 141 -20.18 -0.90 7.54
CA LYS B 141 -20.81 0.17 8.29
C LYS B 141 -22.31 0.24 8.01
N CYS B 142 -22.77 -0.35 6.93
CA CYS B 142 -24.21 -0.47 6.70
C CYS B 142 -24.86 -1.57 7.54
N LEU B 143 -24.08 -2.47 8.13
CA LEU B 143 -24.53 -3.57 9.00
C LEU B 143 -24.31 -3.29 10.48
N ALA B 144 -23.24 -2.53 10.84
CA ALA B 144 -22.88 -2.28 12.23
C ALA B 144 -21.85 -1.15 12.31
N PRO B 145 -21.87 -0.34 13.37
CA PRO B 145 -21.00 0.84 13.43
C PRO B 145 -19.57 0.57 13.93
N THR B 146 -18.72 1.55 13.63
CA THR B 146 -17.38 1.60 14.17
C THR B 146 -17.40 2.58 15.36
N TYR B 147 -16.56 2.34 16.39
CA TYR B 147 -16.64 3.15 17.62
C TYR B 147 -15.33 3.89 17.88
N LEU B 148 -15.44 4.95 18.68
CA LEU B 148 -14.25 5.68 19.11
C LEU B 148 -13.53 4.95 20.23
N GLY B 149 -12.20 4.97 20.17
CA GLY B 149 -11.37 4.40 21.21
C GLY B 149 -10.15 5.28 21.47
N GLU B 150 -8.98 4.68 21.72
CA GLU B 150 -7.71 5.39 21.90
C GLU B 150 -6.61 4.60 21.20
N PHE B 151 -5.53 5.32 20.79
CA PHE B 151 -4.43 4.61 20.15
C PHE B 151 -3.70 3.71 21.12
N SER B 152 -3.75 4.03 22.41
CA SER B 152 -2.88 3.34 23.38
C SER B 152 -3.52 2.06 23.92
N LEU B 153 -4.77 1.75 23.57
CA LEU B 153 -5.38 0.52 24.12
C LEU B 153 -4.55 -0.71 23.77
N ARG B 154 -4.38 -1.60 24.75
CA ARG B 154 -3.43 -2.70 24.58
C ARG B 154 -4.02 -3.88 23.79
N GLY B 155 -3.20 -4.48 22.92
CA GLY B 155 -3.74 -5.47 21.99
C GLY B 155 -4.23 -6.75 22.67
N LYS B 156 -3.53 -7.18 23.73
CA LYS B 156 -3.92 -8.39 24.46
C LYS B 156 -5.36 -8.31 24.93
N GLU B 157 -5.69 -7.28 25.72
CA GLU B 157 -7.02 -7.17 26.30
C GLU B 157 -8.06 -6.98 25.21
N LEU B 158 -7.72 -6.21 24.17
CA LEU B 158 -8.65 -6.08 23.05
C LEU B 158 -8.90 -7.44 22.40
N ARG B 159 -7.83 -8.20 22.12
CA ARG B 159 -8.00 -9.47 21.40
C ARG B 159 -8.81 -10.45 22.23
N GLU B 160 -8.55 -10.49 23.55
CA GLU B 160 -9.30 -11.37 24.44
C GLU B 160 -10.78 -11.07 24.37
N ASN B 161 -11.14 -9.84 24.06
CA ASN B 161 -12.52 -9.41 23.94
C ASN B 161 -13.02 -9.34 22.50
N GLY B 162 -12.23 -9.81 21.53
CA GLY B 162 -12.65 -9.77 20.13
C GLY B 162 -12.89 -8.36 19.58
N ILE B 163 -12.17 -7.36 20.08
CA ILE B 163 -12.29 -5.97 19.60
C ILE B 163 -11.06 -5.66 18.77
N ASN B 164 -11.25 -5.28 17.51
CA ASN B 164 -10.13 -4.97 16.62
C ASN B 164 -9.88 -3.48 16.65
N ARG B 165 -8.59 -3.06 16.60
CA ARG B 165 -8.24 -1.65 16.71
C ARG B 165 -7.77 -1.10 15.37
N ILE B 166 -8.28 0.08 15.01
CA ILE B 166 -7.85 0.79 13.79
C ILE B 166 -7.50 2.20 14.28
N GLY B 167 -6.23 2.42 14.59
CA GLY B 167 -5.84 3.71 15.13
C GLY B 167 -6.49 3.97 16.47
N ASN B 168 -7.27 5.05 16.59
CA ASN B 168 -8.07 5.27 17.79
C ASN B 168 -9.54 4.91 17.55
N LEU B 169 -9.82 3.98 16.63
CA LEU B 169 -11.16 3.47 16.37
C LEU B 169 -11.22 1.98 16.73
N LEU B 170 -12.44 1.47 16.89
CA LEU B 170 -12.60 0.09 17.36
C LEU B 170 -13.69 -0.57 16.54
N VAL B 171 -13.41 -1.78 16.06
CA VAL B 171 -14.40 -2.54 15.28
C VAL B 171 -14.60 -3.88 16.01
N PRO B 172 -15.77 -4.12 16.59
CA PRO B 172 -16.02 -5.43 17.18
C PRO B 172 -15.97 -6.52 16.11
N ASN B 173 -15.35 -7.64 16.46
CA ASN B 173 -15.27 -8.68 15.44
C ASN B 173 -16.64 -9.19 15.02
N GLU B 174 -17.67 -9.05 15.86
CA GLU B 174 -19.02 -9.39 15.38
C GLU B 174 -19.35 -8.65 14.08
N ASN B 175 -18.76 -7.48 13.84
CA ASN B 175 -19.02 -6.79 12.58
C ASN B 175 -18.65 -7.67 11.39
N TYR B 176 -17.55 -8.43 11.51
CA TYR B 176 -17.09 -9.21 10.37
C TYR B 176 -17.90 -10.51 10.21
N CSS B 177 -18.47 -10.97 11.31
CA CSS B 177 -19.35 -12.12 11.28
CB CSS B 177 -19.68 -12.64 12.70
SG CSS B 177 -18.19 -13.24 13.42
SD CSS B 177 -18.50 -13.58 15.49
C CSS B 177 -20.63 -11.76 10.54
O CSS B 177 -21.18 -12.54 9.75
HD CSS B 177 -17.75 -12.60 15.98
N LYS B 178 -21.13 -10.55 10.77
CA LYS B 178 -22.27 -10.05 9.98
C LYS B 178 -21.91 -9.89 8.53
N PHE B 179 -20.66 -9.46 8.26
CA PHE B 179 -20.22 -9.35 6.87
C PHE B 179 -20.21 -10.73 6.17
N GLU B 180 -19.64 -11.73 6.82
CA GLU B 180 -19.65 -13.10 6.29
C GLU B 180 -21.07 -13.54 5.93
N ASP B 181 -22.02 -13.34 6.84
CA ASP B 181 -23.41 -13.74 6.60
C ASP B 181 -23.97 -13.06 5.37
N TRP B 182 -23.71 -11.77 5.26
CA TRP B 182 -24.22 -10.99 4.14
C TRP B 182 -23.54 -11.38 2.84
N LEU B 183 -22.23 -11.66 2.89
CA LEU B 183 -21.50 -11.77 1.64
C LEU B 183 -21.56 -13.17 1.01
N MET B 184 -21.52 -14.25 1.80
CA MET B 184 -21.42 -15.59 1.20
C MET B 184 -22.49 -15.86 0.13
N PRO B 185 -23.77 -15.49 0.31
CA PRO B 185 -24.76 -15.70 -0.78
C PRO B 185 -24.45 -14.95 -2.06
N ILE B 186 -23.87 -13.75 -1.95
CA ILE B 186 -23.42 -13.05 -3.15
C ILE B 186 -22.28 -13.80 -3.81
N LEU B 187 -21.29 -14.28 -3.03
CA LEU B 187 -20.22 -15.06 -3.64
C LEU B 187 -20.79 -16.28 -4.37
N ASP B 188 -21.78 -16.95 -3.75
CA ASP B 188 -22.44 -18.07 -4.43
C ASP B 188 -22.96 -17.65 -5.79
N GLN B 189 -23.68 -16.53 -5.83
CA GLN B 189 -24.24 -16.07 -7.10
C GLN B 189 -23.16 -15.69 -8.09
N MET B 190 -22.03 -15.10 -7.61
CA MET B 190 -21.01 -14.66 -8.56
C MET B 190 -20.35 -15.84 -9.26
N VAL B 191 -20.06 -16.91 -8.51
CA VAL B 191 -19.47 -18.08 -9.15
C VAL B 191 -20.45 -18.69 -10.15
N MET B 192 -21.72 -18.75 -9.76
CA MET B 192 -22.73 -19.29 -10.67
C MET B 192 -22.82 -18.47 -11.95
N GLU B 193 -22.85 -17.12 -11.84
CA GLU B 193 -22.86 -16.31 -13.05
C GLU B 193 -21.57 -16.44 -13.83
N GLN B 194 -20.44 -16.65 -13.14
CA GLN B 194 -19.20 -16.88 -13.86
C GLN B 194 -19.29 -18.15 -14.70
N ASN B 195 -19.86 -19.18 -14.14
CA ASN B 195 -19.69 -20.51 -14.72
C ASN B 195 -20.85 -20.88 -15.62
N THR B 196 -22.00 -20.25 -15.45
CA THR B 196 -23.14 -20.49 -16.32
C THR B 196 -23.49 -19.29 -17.21
N GLU B 197 -23.00 -18.08 -16.92
CA GLU B 197 -23.38 -16.94 -17.73
C GLU B 197 -22.20 -16.22 -18.38
N GLY B 198 -21.00 -16.79 -18.33
CA GLY B 198 -19.86 -16.17 -18.99
C GLY B 198 -19.33 -14.89 -18.37
N VAL B 199 -19.67 -14.60 -17.11
CA VAL B 199 -19.20 -13.36 -16.49
C VAL B 199 -17.72 -13.52 -16.15
N LYS B 200 -16.93 -12.51 -16.51
CA LYS B 200 -15.48 -12.47 -16.23
C LYS B 200 -15.23 -11.41 -15.13
N TRP B 201 -15.15 -11.87 -13.89
CA TRP B 201 -15.08 -10.90 -12.79
C TRP B 201 -13.73 -10.18 -12.72
N THR B 202 -13.80 -8.92 -12.29
CA THR B 202 -12.65 -8.09 -11.97
C THR B 202 -12.99 -7.40 -10.65
N PRO B 203 -11.98 -6.86 -9.96
CA PRO B 203 -12.29 -6.07 -8.75
C PRO B 203 -13.34 -4.99 -9.00
N SER B 204 -13.21 -4.20 -10.06
CA SER B 204 -14.16 -3.11 -10.27
C SER B 204 -15.57 -3.65 -10.51
N LYS B 205 -15.70 -4.76 -11.25
CA LYS B 205 -17.04 -5.33 -11.44
C LYS B 205 -17.59 -5.89 -10.15
N MET B 206 -16.73 -6.47 -9.30
CA MET B 206 -17.23 -6.98 -8.03
C MET B 206 -17.69 -5.85 -7.13
N ILE B 207 -16.93 -4.75 -7.10
CA ILE B 207 -17.30 -3.64 -6.22
C ILE B 207 -18.63 -3.01 -6.68
N ALA B 208 -18.87 -2.90 -8.00
CA ALA B 208 -20.17 -2.40 -8.46
C ALA B 208 -21.31 -3.32 -8.00
N ARG B 209 -21.10 -4.63 -8.12
CA ARG B 209 -22.09 -5.60 -7.65
C ARG B 209 -22.31 -5.49 -6.15
N LEU B 210 -21.24 -5.34 -5.37
CA LEU B 210 -21.41 -5.24 -3.93
C LEU B 210 -22.19 -3.99 -3.55
N GLY B 211 -21.94 -2.89 -4.27
CA GLY B 211 -22.67 -1.65 -4.01
C GLY B 211 -24.14 -1.77 -4.37
N LYS B 212 -24.46 -2.44 -5.49
CA LYS B 212 -25.85 -2.71 -5.83
C LYS B 212 -26.50 -3.56 -4.75
N GLU B 213 -25.81 -4.61 -4.28
CA GLU B 213 -26.41 -5.47 -3.26
C GLU B 213 -26.64 -4.76 -1.92
N ILE B 214 -25.69 -3.93 -1.47
CA ILE B 214 -25.89 -3.32 -0.16
C ILE B 214 -27.11 -2.39 -0.17
N ASN B 215 -27.44 -1.82 -1.32
CA ASN B 215 -28.74 -1.17 -1.52
C ASN B 215 -29.10 -0.19 -0.40
N ASN B 216 -28.13 0.70 -0.03
CA ASN B 216 -28.30 1.52 1.18
C ASN B 216 -27.67 2.88 0.85
N PRO B 217 -28.41 3.99 1.00
CA PRO B 217 -27.88 5.30 0.55
C PRO B 217 -26.78 5.85 1.46
N GLU B 218 -26.46 5.21 2.58
CA GLU B 218 -25.30 5.63 3.36
C GLU B 218 -23.98 5.09 2.80
N SER B 219 -24.04 4.21 1.81
CA SER B 219 -22.86 3.50 1.31
C SER B 219 -22.24 4.24 0.13
N VAL B 220 -20.92 4.47 0.20
CA VAL B 220 -20.16 5.00 -0.94
C VAL B 220 -20.40 4.16 -2.22
N TYR B 221 -20.26 2.84 -2.11
CA TYR B 221 -20.26 1.97 -3.30
C TYR B 221 -21.69 1.79 -3.84
N TYR B 222 -22.71 1.91 -2.99
CA TYR B 222 -24.08 2.03 -3.53
C TYR B 222 -24.18 3.20 -4.51
N TRP B 223 -23.77 4.41 -4.10
CA TRP B 223 -23.86 5.54 -5.02
C TRP B 223 -22.91 5.40 -6.19
N ALA B 224 -21.72 4.79 -5.99
CA ALA B 224 -20.79 4.71 -7.13
C ALA B 224 -21.40 3.90 -8.26
N GLN B 225 -21.99 2.75 -7.94
CA GLN B 225 -22.55 1.92 -9.02
C GLN B 225 -23.79 2.58 -9.62
N LYS B 226 -24.60 3.24 -8.77
CA LYS B 226 -25.79 3.96 -9.27
C LYS B 226 -25.39 5.04 -10.26
N ASN B 227 -24.25 5.72 -10.01
CA ASN B 227 -23.81 6.83 -10.85
C ASN B 227 -22.77 6.44 -11.90
N HIS B 228 -22.53 5.14 -12.10
CA HIS B 228 -21.57 4.64 -13.11
C HIS B 228 -20.17 5.18 -12.86
N ILE B 229 -19.79 5.26 -11.59
CA ILE B 229 -18.45 5.67 -11.19
C ILE B 229 -17.65 4.38 -10.91
N PRO B 230 -16.65 4.06 -11.73
CA PRO B 230 -15.92 2.80 -11.50
C PRO B 230 -14.99 2.96 -10.31
N VAL B 231 -14.77 1.84 -9.61
CA VAL B 231 -13.90 1.77 -8.43
C VAL B 231 -12.81 0.73 -8.72
N PHE B 232 -11.54 1.15 -8.67
CA PHE B 232 -10.42 0.23 -8.89
C PHE B 232 -9.75 -0.10 -7.55
N SER B 233 -9.33 -1.39 -7.40
CA SER B 233 -8.70 -1.87 -6.17
C SER B 233 -7.94 -3.14 -6.56
N PRO B 234 -6.75 -3.02 -7.19
CA PRO B 234 -6.12 -4.21 -7.78
C PRO B 234 -5.85 -5.28 -6.74
N ALA B 235 -5.51 -4.91 -5.49
CA ALA B 235 -5.29 -5.92 -4.43
C ALA B 235 -6.53 -6.09 -3.55
N LEU B 236 -7.65 -6.41 -4.20
CA LEU B 236 -8.92 -6.52 -3.48
C LEU B 236 -8.95 -7.70 -2.50
N THR B 237 -8.06 -8.66 -2.65
CA THR B 237 -8.00 -9.80 -1.75
C THR B 237 -7.30 -9.51 -0.43
N ASP B 238 -6.78 -8.30 -0.22
CA ASP B 238 -6.00 -7.99 0.99
C ASP B 238 -6.89 -7.39 2.08
N GLY B 239 -7.71 -8.25 2.71
CA GLY B 239 -8.63 -7.78 3.71
C GLY B 239 -9.69 -8.83 4.06
N SER B 240 -10.78 -8.36 4.69
CA SER B 240 -11.85 -9.26 5.07
C SER B 240 -12.54 -9.86 3.84
N LEU B 241 -12.75 -9.06 2.80
CA LEU B 241 -13.25 -9.59 1.54
C LEU B 241 -12.42 -10.80 1.11
N GLY B 242 -11.09 -10.65 1.13
CA GLY B 242 -10.19 -11.78 0.88
C GLY B 242 -10.44 -12.96 1.81
N ASP B 243 -10.57 -12.68 3.13
CA ASP B 243 -10.87 -13.78 4.07
C ASP B 243 -12.07 -14.57 3.59
N MET B 244 -13.14 -13.85 3.22
CA MET B 244 -14.39 -14.51 2.87
C MET B 244 -14.28 -15.30 1.57
N ILE B 245 -13.69 -14.68 0.55
CA ILE B 245 -13.43 -15.38 -0.69
C ILE B 245 -12.63 -16.64 -0.42
N PHE B 246 -11.62 -16.52 0.46
CA PHE B 246 -10.78 -17.66 0.79
C PHE B 246 -11.58 -18.80 1.43
N PHE B 247 -12.35 -18.49 2.46
CA PHE B 247 -13.19 -19.52 3.09
C PHE B 247 -14.17 -20.08 2.06
N HIS B 248 -14.79 -19.20 1.29
CA HIS B 248 -15.79 -19.59 0.31
C HIS B 248 -15.22 -20.53 -0.74
N SER B 249 -13.95 -20.35 -1.08
CA SER B 249 -13.37 -21.11 -2.17
C SER B 249 -13.21 -22.59 -1.84
N TYR B 250 -13.24 -22.96 -0.57
CA TYR B 250 -13.18 -24.40 -0.24
C TYR B 250 -14.49 -25.11 -0.62
N LYS B 251 -15.63 -24.47 -0.36
CA LYS B 251 -16.93 -25.06 -0.65
C LYS B 251 -17.40 -24.80 -2.08
N ASN B 252 -16.96 -23.71 -2.70
CA ASN B 252 -17.43 -23.32 -4.02
C ASN B 252 -16.23 -22.82 -4.84
N PRO B 253 -15.35 -23.74 -5.26
CA PRO B 253 -14.06 -23.33 -5.85
C PRO B 253 -14.20 -22.70 -7.23
N GLY B 254 -13.14 -21.94 -7.60
CA GLY B 254 -12.94 -21.45 -8.95
C GLY B 254 -13.25 -19.98 -9.26
N LEU B 255 -13.72 -19.17 -8.30
CA LEU B 255 -13.86 -17.73 -8.57
C LEU B 255 -12.54 -17.12 -9.03
N VAL B 256 -12.57 -16.40 -10.16
CA VAL B 256 -11.41 -15.69 -10.70
C VAL B 256 -11.65 -14.18 -10.62
N LEU B 257 -10.66 -13.45 -10.12
CA LEU B 257 -10.67 -11.99 -10.17
C LEU B 257 -9.46 -11.56 -10.99
N ASP B 258 -9.72 -11.11 -12.21
CA ASP B 258 -8.68 -10.70 -13.15
C ASP B 258 -8.31 -9.23 -12.90
N ILE B 259 -7.01 -8.96 -12.70
CA ILE B 259 -6.63 -7.55 -12.56
C ILE B 259 -6.18 -6.93 -13.87
N VAL B 260 -5.98 -7.74 -14.92
CA VAL B 260 -5.51 -7.16 -16.18
C VAL B 260 -6.61 -6.31 -16.82
N GLU B 261 -7.83 -6.83 -16.86
CA GLU B 261 -8.89 -6.05 -17.51
C GLU B 261 -9.11 -4.71 -16.79
N ASP B 262 -9.01 -4.71 -15.45
CA ASP B 262 -9.18 -3.46 -14.71
C ASP B 262 -8.07 -2.47 -14.98
N LEU B 263 -6.88 -2.96 -15.29
CA LEU B 263 -5.80 -2.05 -15.68
C LEU B 263 -6.15 -1.34 -16.99
N ARG B 264 -6.68 -2.06 -17.97
CA ARG B 264 -7.15 -1.36 -19.19
C ARG B 264 -8.23 -0.34 -18.88
N LEU B 265 -9.19 -0.71 -18.04
CA LEU B 265 -10.30 0.20 -17.74
C LEU B 265 -9.83 1.52 -17.09
N ILE B 266 -8.94 1.46 -16.09
CA ILE B 266 -8.56 2.72 -15.45
C ILE B 266 -7.68 3.52 -16.39
N ASN B 267 -6.79 2.85 -17.13
CA ASN B 267 -5.90 3.61 -17.99
C ASN B 267 -6.69 4.36 -19.07
N THR B 268 -7.73 3.71 -19.61
CA THR B 268 -8.53 4.37 -20.66
C THR B 268 -9.31 5.57 -20.11
N GLN B 269 -9.67 5.55 -18.81
CA GLN B 269 -10.25 6.74 -18.19
C GLN B 269 -9.30 7.93 -18.31
N ALA B 270 -7.99 7.72 -18.08
CA ALA B 270 -7.08 8.84 -18.25
C ALA B 270 -6.83 9.18 -19.72
N ILE B 271 -6.64 8.14 -20.55
CA ILE B 271 -6.18 8.38 -21.92
C ILE B 271 -7.18 9.26 -22.68
N PHE B 272 -8.46 9.04 -22.49
CA PHE B 272 -9.45 9.76 -23.30
C PHE B 272 -10.10 10.92 -22.56
N ALA B 273 -9.52 11.36 -21.45
CA ALA B 273 -10.03 12.55 -20.75
C ALA B 273 -9.64 13.82 -21.48
N LYS B 274 -10.52 14.84 -21.40
CA LYS B 274 -10.13 16.16 -21.91
C LYS B 274 -9.10 16.82 -20.99
N CYS B 275 -9.34 16.76 -19.67
CA CYS B 275 -8.43 17.18 -18.57
C CYS B 275 -8.57 16.16 -17.45
N THR B 276 -7.54 16.07 -16.60
CA THR B 276 -7.72 15.24 -15.41
C THR B 276 -7.26 16.01 -14.19
N GLY B 277 -7.89 15.68 -13.05
CA GLY B 277 -7.41 16.10 -11.74
C GLY B 277 -7.28 14.88 -10.86
N MET B 278 -6.31 14.93 -9.94
CA MET B 278 -6.12 13.85 -8.98
C MET B 278 -6.27 14.44 -7.59
N ILE B 279 -7.11 13.83 -6.76
CA ILE B 279 -7.22 14.20 -5.35
C ILE B 279 -6.88 12.92 -4.59
N ILE B 280 -5.73 12.89 -3.92
CA ILE B 280 -5.23 11.63 -3.39
C ILE B 280 -5.06 11.80 -1.90
N LEU B 281 -5.76 10.97 -1.13
CA LEU B 281 -5.67 10.99 0.32
C LEU B 281 -4.90 9.75 0.78
N GLY B 282 -3.71 9.94 1.35
CA GLY B 282 -2.94 8.78 1.79
C GLY B 282 -1.97 8.32 0.69
N GLY B 283 -1.22 7.25 0.97
CA GLY B 283 -0.22 6.78 0.02
C GLY B 283 -0.48 5.38 -0.53
N GLY B 284 0.58 4.58 -0.69
CA GLY B 284 0.52 3.20 -1.18
C GLY B 284 -0.07 3.09 -2.59
N VAL B 285 -0.76 1.97 -2.82
CA VAL B 285 -1.22 1.64 -4.18
C VAL B 285 -2.21 2.68 -4.69
N VAL B 286 -3.08 3.23 -3.82
CA VAL B 286 -4.08 4.17 -4.36
C VAL B 286 -3.40 5.38 -4.96
N LYS B 287 -2.30 5.84 -4.36
CA LYS B 287 -1.62 7.01 -4.89
C LYS B 287 -0.90 6.66 -6.19
N HIS B 288 -0.12 5.59 -6.17
CA HIS B 288 0.70 5.26 -7.34
C HIS B 288 -0.17 4.88 -8.56
N HIS B 289 -1.26 4.16 -8.32
CA HIS B 289 -2.06 3.62 -9.41
C HIS B 289 -2.79 4.74 -10.15
N ILE B 290 -3.31 5.74 -9.40
CA ILE B 290 -3.92 6.92 -10.04
C ILE B 290 -2.86 7.67 -10.81
N ALA B 291 -1.69 7.89 -10.18
CA ALA B 291 -0.66 8.68 -10.85
C ALA B 291 -0.14 7.95 -12.08
N ASN B 292 0.06 6.64 -11.99
CA ASN B 292 0.58 5.89 -13.13
C ASN B 292 -0.44 5.88 -14.29
N ALA B 293 -1.73 5.77 -13.99
CA ALA B 293 -2.71 5.87 -15.07
C ALA B 293 -2.57 7.21 -15.79
N ASN B 294 -2.35 8.28 -15.04
CA ASN B 294 -2.29 9.61 -15.68
C ASN B 294 -1.01 9.79 -16.46
N LEU B 295 0.01 8.99 -16.18
CA LEU B 295 1.18 9.06 -17.07
C LEU B 295 0.78 8.71 -18.52
N MET B 296 -0.23 7.86 -18.69
CA MET B 296 -0.62 7.39 -20.03
C MET B 296 -1.14 8.54 -20.89
N ARG B 297 -1.50 9.68 -20.29
CA ARG B 297 -1.89 10.86 -21.07
C ARG B 297 -0.81 11.93 -21.01
N ASN B 298 0.38 11.57 -20.57
CA ASN B 298 1.48 12.49 -20.33
C ASN B 298 1.21 13.45 -19.16
N GLY B 299 0.32 13.07 -18.22
CA GLY B 299 0.28 13.80 -16.97
C GLY B 299 -1.08 14.40 -16.62
N ALA B 300 -1.37 14.42 -15.32
CA ALA B 300 -2.54 15.14 -14.86
C ALA B 300 -2.35 16.66 -14.98
N ASP B 301 -3.47 17.35 -15.26
CA ASP B 301 -3.49 18.81 -15.28
C ASP B 301 -3.53 19.47 -13.89
N TYR B 302 -4.19 18.83 -12.91
CA TYR B 302 -4.34 19.35 -11.54
C TYR B 302 -4.08 18.21 -10.55
N ALA B 303 -3.52 18.54 -9.39
CA ALA B 303 -3.32 17.46 -8.41
C ALA B 303 -3.20 18.02 -7.00
N VAL B 304 -3.85 17.33 -6.05
CA VAL B 304 -3.70 17.66 -4.63
C VAL B 304 -3.42 16.34 -3.91
N TYR B 305 -2.32 16.27 -3.15
CA TYR B 305 -2.08 15.19 -2.21
C TYR B 305 -2.42 15.68 -0.81
N ILE B 306 -2.97 14.78 0.04
CA ILE B 306 -3.11 15.06 1.45
C ILE B 306 -2.62 13.80 2.15
N ASN B 307 -1.49 13.90 2.83
CA ASN B 307 -0.99 12.70 3.52
C ASN B 307 0.09 13.15 4.50
N THR B 308 0.46 12.23 5.39
CA THR B 308 1.47 12.50 6.43
C THR B 308 2.77 11.79 6.14
N ALA B 309 2.91 11.18 4.97
CA ALA B 309 4.16 10.49 4.69
C ALA B 309 5.28 11.49 4.34
N GLN B 310 6.53 11.07 4.56
CA GLN B 310 7.68 11.97 4.36
C GLN B 310 8.60 11.41 3.28
N GLU B 311 9.32 12.29 2.57
CA GLU B 311 10.01 11.80 1.38
C GLU B 311 11.30 11.07 1.71
N PHE B 312 11.86 11.28 2.91
CA PHE B 312 13.30 10.97 3.09
C PHE B 312 13.66 9.46 2.97
N ASP B 313 12.72 8.52 3.13
CA ASP B 313 13.05 7.11 2.96
C ASP B 313 12.90 6.63 1.52
N GLY B 314 12.58 7.54 0.57
CA GLY B 314 12.42 7.19 -0.84
C GLY B 314 11.08 6.57 -1.22
N SER B 315 10.15 6.43 -0.27
CA SER B 315 8.90 5.73 -0.54
C SER B 315 8.08 6.53 -1.56
N ASP B 316 7.34 5.79 -2.39
CA ASP B 316 6.37 6.48 -3.24
C ASP B 316 5.33 7.23 -2.41
N SER B 317 4.89 6.65 -1.28
CA SER B 317 3.91 7.30 -0.41
C SER B 317 4.37 8.70 -0.02
N GLY B 318 5.66 8.87 0.37
CA GLY B 318 6.10 10.18 0.79
C GLY B 318 6.72 11.08 -0.29
N ALA B 319 6.66 10.68 -1.54
CA ALA B 319 7.22 11.49 -2.62
C ALA B 319 6.37 12.74 -2.83
N ARG B 320 7.03 13.86 -3.08
CA ARG B 320 6.34 15.14 -3.33
C ARG B 320 5.73 15.09 -4.74
N PRO B 321 4.78 15.96 -5.03
CA PRO B 321 4.22 16.00 -6.40
C PRO B 321 5.29 16.22 -7.43
N ASP B 322 6.33 16.95 -7.05
CA ASP B 322 7.36 17.23 -8.05
C ASP B 322 8.14 15.96 -8.45
N GLU B 323 8.18 14.91 -7.62
CA GLU B 323 8.73 13.65 -8.10
C GLU B 323 7.89 13.12 -9.26
N ALA B 324 6.56 13.22 -9.15
CA ALA B 324 5.69 12.67 -10.19
C ALA B 324 5.86 13.43 -11.50
N VAL B 325 6.23 14.71 -11.41
CA VAL B 325 6.50 15.50 -12.61
C VAL B 325 7.65 14.87 -13.40
N SER B 326 8.72 14.41 -12.71
CA SER B 326 9.84 13.79 -13.46
C SER B 326 9.40 12.57 -14.25
N TRP B 327 8.39 11.81 -13.78
CA TRP B 327 7.91 10.62 -14.49
C TRP B 327 6.96 10.97 -15.63
N GLY B 328 6.37 12.16 -15.62
CA GLY B 328 5.31 12.44 -16.59
C GLY B 328 3.92 12.14 -16.06
N LYS B 329 3.81 11.88 -14.74
CA LYS B 329 2.52 11.61 -14.13
C LYS B 329 1.73 12.89 -13.83
N ILE B 330 2.41 14.00 -13.62
CA ILE B 330 1.81 15.33 -13.48
C ILE B 330 2.46 16.18 -14.55
N ARG B 331 1.65 16.98 -15.28
CA ARG B 331 2.23 17.85 -16.31
C ARG B 331 3.25 18.84 -15.76
N VAL B 332 4.22 19.17 -16.62
CA VAL B 332 5.23 20.15 -16.25
C VAL B 332 4.60 21.50 -15.95
N ASP B 333 3.49 21.83 -16.59
CA ASP B 333 2.91 23.16 -16.38
C ASP B 333 1.80 23.17 -15.33
N ALA B 334 1.57 22.05 -14.63
CA ALA B 334 0.65 22.01 -13.52
C ALA B 334 1.25 22.71 -12.29
N GLN B 335 0.36 23.07 -11.36
CA GLN B 335 0.72 23.69 -10.09
C GLN B 335 0.20 22.81 -8.96
N PRO B 336 0.70 21.59 -8.85
CA PRO B 336 0.14 20.65 -7.86
C PRO B 336 0.50 21.12 -6.46
N VAL B 337 -0.18 20.56 -5.45
CA VAL B 337 0.14 20.90 -4.07
C VAL B 337 -0.07 19.67 -3.18
N LYS B 338 0.78 19.55 -2.17
CA LYS B 338 0.64 18.58 -1.09
C LYS B 338 0.37 19.32 0.21
N VAL B 339 -0.67 18.87 0.95
CA VAL B 339 -0.96 19.35 2.30
C VAL B 339 -0.47 18.25 3.24
N TYR B 340 0.50 18.59 4.11
CA TYR B 340 1.11 17.59 4.99
C TYR B 340 0.26 17.58 6.24
N ALA B 341 -0.72 16.67 6.26
CA ALA B 341 -1.64 16.67 7.38
C ALA B 341 -2.50 15.40 7.34
N ASP B 342 -3.04 15.06 8.52
CA ASP B 342 -4.05 13.98 8.62
C ASP B 342 -5.34 14.40 7.91
N ALA B 343 -5.76 13.62 6.90
CA ALA B 343 -6.89 14.05 6.07
C ALA B 343 -8.19 14.09 6.88
N SER B 344 -8.24 13.44 8.05
CA SER B 344 -9.47 13.56 8.81
C SER B 344 -9.70 15.00 9.29
N LEU B 345 -8.62 15.79 9.46
CA LEU B 345 -8.72 17.20 9.78
C LEU B 345 -9.04 18.03 8.54
N VAL B 346 -8.36 17.83 7.41
CA VAL B 346 -8.47 18.86 6.40
C VAL B 346 -9.45 18.51 5.28
N PHE B 347 -9.76 17.22 5.07
CA PHE B 347 -10.56 16.94 3.87
C PHE B 347 -11.97 17.49 3.98
N PRO B 348 -12.65 17.40 5.14
CA PRO B 348 -13.98 18.05 5.22
C PRO B 348 -13.91 19.57 5.00
N LEU B 349 -12.85 20.23 5.52
CA LEU B 349 -12.67 21.65 5.31
C LEU B 349 -12.47 21.95 3.83
N LEU B 350 -11.65 21.12 3.15
CA LEU B 350 -11.42 21.30 1.71
C LEU B 350 -12.73 21.20 0.91
N VAL B 351 -13.52 20.17 1.20
CA VAL B 351 -14.81 19.95 0.51
C VAL B 351 -15.76 21.13 0.79
N ALA B 352 -15.79 21.61 2.04
CA ALA B 352 -16.62 22.79 2.40
C ALA B 352 -16.30 24.00 1.51
N GLU B 353 -15.03 24.19 1.17
CA GLU B 353 -14.58 25.37 0.44
C GLU B 353 -14.59 25.17 -1.08
N THR B 354 -14.89 23.96 -1.54
CA THR B 354 -14.85 23.67 -2.98
C THR B 354 -16.15 23.03 -3.45
N PHE B 355 -16.22 21.68 -3.44
CA PHE B 355 -17.37 21.02 -4.05
C PHE B 355 -18.68 21.48 -3.41
N ALA B 356 -18.71 21.60 -2.07
CA ALA B 356 -19.97 21.92 -1.40
C ALA B 356 -20.53 23.28 -1.84
N GLN B 357 -19.68 24.26 -2.12
CA GLN B 357 -20.19 25.54 -2.63
C GLN B 357 -20.72 25.49 -4.05
N LYS B 358 -20.46 24.43 -4.80
CA LYS B 358 -20.98 24.35 -6.15
C LYS B 358 -22.02 23.23 -6.30
N MET B 359 -22.64 22.82 -5.18
CA MET B 359 -23.53 21.67 -5.21
C MET B 359 -24.64 21.82 -6.23
N ASP B 360 -25.25 23.01 -6.32
CA ASP B 360 -26.36 23.19 -7.26
C ASP B 360 -25.96 22.85 -8.69
N ALA B 361 -24.71 23.14 -9.07
CA ALA B 361 -24.27 22.84 -10.44
C ALA B 361 -24.18 21.32 -10.69
N PHE B 362 -24.04 20.50 -9.64
CA PHE B 362 -23.93 19.05 -9.79
C PHE B 362 -25.26 18.34 -9.69
N MET B 363 -26.30 19.05 -9.31
CA MET B 363 -27.65 18.49 -9.24
C MET B 363 -28.48 18.78 -10.49
N HIS B 364 -30.15 16.41 -10.54
CA HIS B 364 -30.28 16.79 -11.95
C HIS B 364 -31.57 17.60 -12.17
N1 SPD C . -5.17 -1.14 10.10
C2 SPD C . -6.06 -2.18 10.57
C3 SPD C . -6.33 -3.29 9.58
C4 SPD C . -7.50 -3.02 8.69
C5 SPD C . -7.86 -4.20 7.80
N6 SPD C . -8.04 -5.41 8.58
C7 SPD C . -8.67 -6.50 7.85
C8 SPD C . -8.51 -7.79 8.57
C9 SPD C . -9.31 -8.91 7.99
N10 SPD C . -8.91 -10.20 8.52
HN11 SPD C . -4.45 -1.10 10.64
HN12 SPD C . -5.59 -0.36 10.10
H21 SPD C . -5.69 -2.56 11.38
H22 SPD C . -6.91 -1.76 10.79
H31 SPD C . -5.54 -3.41 9.03
H32 SPD C . -6.48 -4.11 10.07
H41 SPD C . -7.30 -2.26 8.13
H42 SPD C . -8.27 -2.81 9.24
H51 SPD C . -7.18 -4.30 7.13
H52 SPD C . -8.68 -3.99 7.35
HN6 SPD C . -8.52 -5.22 9.30
H71 SPD C . -8.26 -6.58 6.97
H72 SPD C . -9.61 -6.31 7.74
H81 SPD C . -7.58 -8.04 8.55
H82 SPD C . -8.78 -7.66 9.49
H91 SPD C . -10.25 -8.77 8.19
H92 SPD C . -9.20 -8.92 7.03
H101 SPD C . -8.62 -10.72 7.86
H102 SPD C . -9.61 -10.58 8.93
C1 EDO D . 11.34 2.02 5.08
O1 EDO D . 12.73 2.09 4.76
C2 EDO D . 10.53 1.76 3.78
O2 EDO D . 10.42 2.90 2.89
H11 EDO D . 11.03 2.96 5.53
H12 EDO D . 11.16 1.21 5.80
HO1 EDO D . 13.09 2.90 5.11
H21 EDO D . 9.52 1.44 4.06
H22 EDO D . 10.99 0.94 3.24
HO2 EDO D . 9.84 2.66 2.15
C1 EDO E . 11.48 -15.16 -24.11
O1 EDO E . 12.34 -14.40 -24.96
C2 EDO E . 11.94 -16.59 -23.75
O2 EDO E . 13.34 -16.72 -23.90
H11 EDO E . 10.47 -15.16 -24.51
H12 EDO E . 11.47 -14.63 -23.18
HO1 EDO E . 12.04 -13.48 -24.98
H21 EDO E . 11.58 -16.88 -22.78
H22 EDO E . 11.49 -17.28 -24.47
HO2 EDO E . 13.60 -17.63 -23.67
C1 EDO F . 7.87 -20.77 -5.69
O1 EDO F . 8.33 -20.60 -7.05
C2 EDO F . 6.65 -21.65 -5.47
O2 EDO F . 6.71 -22.26 -4.11
H11 EDO F . 7.68 -19.80 -5.28
H12 EDO F . 8.67 -21.20 -5.11
HO1 EDO F . 9.11 -20.03 -7.05
H21 EDO F . 6.61 -22.44 -6.23
H22 EDO F . 5.73 -21.06 -5.55
HO2 EDO F . 5.93 -22.82 -3.97
C1 EDO G . 12.17 -19.16 20.28
O1 EDO G . 11.74 -18.01 21.03
C2 EDO G . 13.63 -18.92 19.94
O2 EDO G . 14.08 -19.66 18.80
H11 EDO G . 11.65 -19.38 19.39
H12 EDO G . 12.10 -20.04 20.93
HO1 EDO G . 10.81 -18.11 21.26
H21 EDO G . 13.81 -17.87 19.80
H22 EDO G . 14.23 -19.24 20.80
HO2 EDO G . 15.02 -19.47 18.65
C1 EDO H . 12.64 -24.93 2.54
O1 EDO H . 11.96 -25.96 3.26
C2 EDO H . 13.94 -25.49 2.01
O2 EDO H . 13.83 -25.59 0.59
H11 EDO H . 12.01 -24.61 1.71
H12 EDO H . 12.83 -24.08 3.20
HO1 EDO H . 11.17 -25.58 3.68
H21 EDO H . 14.09 -26.49 2.42
H22 EDO H . 14.77 -24.88 2.35
HO2 EDO H . 14.66 -25.94 0.23
C1 EDO I . 20.56 -17.44 19.04
O1 EDO I . 21.00 -17.35 17.66
C2 EDO I . 19.60 -16.31 19.39
O2 EDO I . 18.36 -16.84 19.90
H11 EDO I . 20.15 -18.41 19.29
H12 EDO I . 21.45 -17.31 19.67
HO1 EDO I . 21.62 -18.07 17.47
H21 EDO I . 19.36 -15.71 18.55
H22 EDO I . 20.04 -15.67 20.14
HO2 EDO I . 17.76 -16.10 20.12
C1 EDO J . 7.08 3.35 5.46
O1 EDO J . 8.49 3.62 5.70
C2 EDO J . 6.65 3.59 4.00
O2 EDO J . 6.35 2.35 3.33
H11 EDO J . 6.86 2.31 5.70
H12 EDO J . 6.48 3.97 6.11
HO1 EDO J . 8.86 2.95 6.29
H21 EDO J . 5.75 4.23 3.99
H22 EDO J . 7.44 4.12 3.47
HO2 EDO J . 6.08 2.54 2.42
C1 EDO K . 3.52 -21.77 -14.84
O1 EDO K . 2.95 -22.98 -15.34
C2 EDO K . 3.05 -21.60 -13.41
O2 EDO K . 1.94 -22.54 -13.26
H11 EDO K . 4.61 -21.84 -14.86
H12 EDO K . 3.21 -20.91 -15.45
HO1 EDO K . 3.23 -23.13 -16.26
H21 EDO K . 3.84 -21.80 -12.70
H22 EDO K . 2.68 -20.60 -13.29
HO2 EDO K . 1.74 -22.66 -12.32
C ACT L . 6.00 1.66 -25.97
O ACT L . 7.05 1.81 -26.70
OXT ACT L . 5.88 1.89 -24.73
CH3 ACT L . 4.71 1.12 -26.74
H1 ACT L . 3.98 1.02 -26.11
H2 ACT L . 4.89 0.24 -27.10
H3 ACT L . 4.43 1.71 -27.45
C ACT M . 17.71 -5.03 25.31
O ACT M . 18.32 -6.16 25.42
OXT ACT M . 18.12 -4.00 24.79
CH3 ACT M . 16.26 -4.93 25.90
H1 ACT M . 15.92 -4.03 25.77
H2 ACT M . 16.28 -5.09 26.85
H3 ACT M . 15.66 -5.56 25.48
C ACT N . 10.95 -0.37 -27.98
O ACT N . 9.79 0.10 -28.24
OXT ACT N . 11.60 -0.35 -26.91
CH3 ACT N . 11.68 -1.06 -29.19
H1 ACT N . 11.78 -0.42 -29.92
H2 ACT N . 12.58 -1.33 -28.93
H3 ACT N . 11.20 -1.83 -29.52
C ACT O . 22.13 9.95 -15.45
O ACT O . 22.66 9.39 -16.42
OXT ACT O . 22.57 10.95 -14.90
CH3 ACT O . 20.86 9.35 -14.89
H1 ACT O . 20.17 9.36 -15.57
H2 ACT O . 21.01 8.42 -14.66
H3 ACT O . 20.54 9.83 -14.11
C1 BME P . 8.98 4.85 -18.88
C2 BME P . 8.99 4.90 -17.36
O1 BME P . 8.03 3.87 -19.20
S2 BME P . 7.36 5.25 -16.78
H11 BME P . 9.86 4.60 -19.21
H12 BME P . 8.72 5.71 -19.24
H21 BME P . 9.60 5.59 -17.06
H22 BME P . 9.27 4.04 -17.01
HO1 BME P . 8.06 3.76 -20.04
HS2 BME P . 7.57 5.37 -15.61
C1 BME Q . -3.64 -23.47 -3.46
C2 BME Q . -3.42 -23.62 -1.98
O1 BME Q . -5.02 -23.51 -3.74
S2 BME Q . -4.52 -24.92 -1.45
H11 BME Q . -3.28 -22.63 -3.76
H12 BME Q . -3.20 -24.19 -3.94
H21 BME Q . -2.50 -23.87 -1.80
H22 BME Q . -3.63 -22.79 -1.52
HO1 BME Q . -5.10 -23.52 -4.58
HS2 BME Q . -4.15 -25.07 -0.33
C1 BME R . 18.87 -11.48 -19.85
C2 BME R . 18.91 -10.42 -18.78
O1 BME R . 20.12 -11.37 -20.49
S2 BME R . 20.36 -10.71 -17.75
H11 BME R . 18.16 -11.31 -20.48
H12 BME R . 18.77 -12.36 -19.46
H21 BME R . 18.95 -9.54 -19.18
H22 BME R . 18.11 -10.49 -18.23
HO1 BME R . 20.10 -11.89 -21.17
HS2 BME R . 20.64 -9.58 -17.45
C FMT S . 29.06 -0.83 25.59
O1 FMT S . 29.73 -1.32 24.68
O2 FMT S . 27.96 -1.27 25.94
H FMT S . 29.42 0.05 26.13
C FMT T . 0.29 8.70 18.79
O1 FMT T . -0.66 8.53 18.02
O2 FMT T . 1.46 8.54 18.45
H FMT T . 0.05 8.95 19.81
C FMT U . 9.33 -1.05 19.27
O1 FMT U . 8.60 -2.07 19.47
O2 FMT U . 9.02 0.06 18.78
H FMT U . 10.37 -1.15 19.56
C FMT V . 16.18 4.27 43.38
O1 FMT V . 17.07 3.79 42.64
O2 FMT V . 14.95 4.23 43.18
H FMT V . 16.49 4.77 44.30
C FMT W . 22.01 -13.51 -18.74
O1 FMT W . 20.80 -13.73 -18.59
O2 FMT W . 22.77 -13.17 -17.82
H FMT W . 22.46 -13.61 -19.72
C FMT X . 13.51 -11.54 -24.20
O1 FMT X . 13.23 -12.46 -23.48
O2 FMT X . 14.60 -11.44 -24.90
H FMT X . 12.71 -10.89 -24.55
C FMT Y . -7.01 -17.76 -16.31
O1 FMT Y . -6.99 -17.98 -17.50
O2 FMT Y . -7.93 -18.18 -15.51
H FMT Y . -6.38 -16.98 -15.92
N1 SPD Z . 8.23 6.28 -6.54
C2 SPD Z . 8.56 6.39 -7.94
C3 SPD Z . 7.65 5.61 -8.86
C4 SPD Z . 8.12 4.19 -9.06
C5 SPD Z . 7.25 3.42 -10.03
N6 SPD Z . 7.22 4.03 -11.35
C7 SPD Z . 6.69 3.13 -12.36
C8 SPD Z . 6.18 3.90 -13.53
C9 SPD Z . 5.84 3.08 -14.71
N10 SPD Z . 5.17 3.89 -15.72
HN11 SPD Z . 8.05 7.08 -6.21
HN12 SPD Z . 8.91 5.93 -6.10
H21 SPD Z . 8.53 7.33 -8.20
H22 SPD Z . 9.47 6.06 -8.07
H31 SPD Z . 7.61 6.05 -9.73
H32 SPD Z . 6.76 5.60 -8.48
H41 SPD Z . 8.12 3.74 -8.20
H42 SPD Z . 9.02 4.22 -9.40
H51 SPD Z . 6.38 3.34 -9.65
H52 SPD Z . 7.62 2.53 -10.11
HN6 SPD Z . 8.04 4.29 -11.57
H71 SPD Z . 5.96 2.61 -11.99
H72 SPD Z . 7.39 2.54 -12.66
H81 SPD Z . 6.87 4.54 -13.79
H82 SPD Z . 5.39 4.38 -13.26
H91 SPD Z . 6.66 2.71 -15.09
H92 SPD Z . 5.26 2.35 -14.45
H101 SPD Z . 4.36 3.56 -15.88
H102 SPD Z . 5.65 3.87 -16.48
C1 MRD AA . -21.46 37.20 15.26
C2 MRD AA . -20.18 37.89 14.80
O2 MRD AA . -19.48 38.28 16.00
CM MRD AA . -19.35 36.94 13.96
C3 MRD AA . -20.53 39.14 14.00
C4 MRD AA . -19.31 39.89 13.54
O4 MRD AA . -18.52 40.25 14.68
C5 MRD AA . -19.76 41.14 12.84
H1C1 MRD AA . -21.23 36.48 15.87
H1C2 MRD AA . -21.94 36.86 14.50
H1C3 MRD AA . -22.02 37.84 15.73
H2 MRD AA . -19.36 37.59 16.49
HMC1 MRD AA . -19.31 36.07 14.40
HMC2 MRD AA . -18.44 37.30 13.88
HMC3 MRD AA . -19.74 36.85 13.08
H3C1 MRD AA . -21.05 38.88 13.22
H3C2 MRD AA . -21.06 39.73 14.55
H4 MRD AA . -18.79 39.35 12.93
HA MRD AA . -17.78 40.57 14.42
H5C1 MRD AA . -19.00 41.61 12.48
H5C2 MRD AA . -20.23 41.71 13.47
H5C3 MRD AA . -20.37 40.91 12.12
C1 EDO BA . -30.42 -5.19 -5.10
O1 EDO BA . -30.46 -6.04 -6.26
C2 EDO BA . -31.12 -5.86 -3.93
O2 EDO BA . -30.31 -5.80 -2.73
H11 EDO BA . -30.90 -4.24 -5.33
H12 EDO BA . -29.37 -4.98 -4.83
HO1 EDO BA . -30.01 -5.61 -7.00
H21 EDO BA . -32.07 -5.36 -3.73
H22 EDO BA . -31.33 -6.90 -4.18
HO2 EDO BA . -30.78 -6.23 -2.00
C1 EDO CA . 6.39 20.13 -6.09
O1 EDO CA . 6.03 19.15 -5.11
C2 EDO CA . 5.28 20.88 -6.81
O2 EDO CA . 5.85 21.62 -7.86
H11 EDO CA . 7.30 20.71 -5.95
H12 EDO CA . 6.51 19.54 -6.97
HO1 EDO CA . 6.84 18.80 -4.72
H21 EDO CA . 4.55 20.17 -7.16
H22 EDO CA . 4.82 21.61 -6.15
HO2 EDO CA . 5.15 22.11 -8.32
C1 EDO DA . -3.80 10.67 5.46
O1 EDO DA . -4.88 11.08 6.29
C2 EDO DA . -3.91 9.16 5.16
O2 EDO DA . -3.77 8.36 6.34
H11 EDO DA . -2.85 10.87 5.96
H12 EDO DA . -3.82 11.23 4.53
HO1 EDO DA . -4.52 11.49 7.10
H21 EDO DA . -4.88 8.95 4.68
H22 EDO DA . -3.13 8.87 4.46
HO2 EDO DA . -3.71 7.42 6.10
C1 EDO EA . -6.08 37.78 6.70
O1 EDO EA . -5.94 39.09 6.14
C2 EDO EA . -7.50 37.45 6.34
O2 EDO EA . -8.24 37.46 7.55
H11 EDO EA . -5.39 37.07 6.25
H12 EDO EA . -5.95 37.80 7.78
HO1 EDO EA . -5.00 39.32 6.12
H21 EDO EA . -7.90 38.21 5.65
H22 EDO EA . -7.56 36.47 5.85
HO2 EDO EA . -9.17 37.25 7.36
C1 EDO FA . -14.82 -22.38 -11.82
O1 EDO FA . -15.73 -22.31 -10.69
C2 EDO FA . -13.94 -23.63 -11.82
O2 EDO FA . -14.77 -24.80 -12.00
H11 EDO FA . -15.39 -22.35 -12.74
H12 EDO FA . -14.20 -21.50 -11.79
HO1 EDO FA . -15.95 -21.38 -10.52
H21 EDO FA . -13.40 -23.71 -10.88
H22 EDO FA . -13.21 -23.57 -12.63
HO2 EDO FA . -14.21 -25.59 -12.00
C1 EDO GA . 5.54 11.72 -6.56
O1 EDO GA . 4.34 11.89 -6.06
C2 EDO GA . 5.48 10.28 -6.93
O2 EDO GA . 6.22 10.38 -8.07
H11 EDO GA . 6.29 11.95 -5.81
H12 EDO GA . 5.66 12.36 -7.41
HO1 EDO GA . 4.28 12.78 -5.72
H21 EDO GA . 5.95 9.64 -6.18
H22 EDO GA . 4.45 9.97 -7.13
HO2 EDO GA . 6.29 9.51 -8.48
C ACT HA . -28.05 -2.97 4.64
O ACT HA . -27.92 -2.13 3.73
OXT ACT HA . -28.18 -2.76 5.87
CH3 ACT HA . -28.08 -4.48 4.18
H1 ACT HA . -27.25 -4.70 3.74
H2 ACT HA . -28.15 -5.06 4.96
H3 ACT HA . -28.81 -4.65 3.58
C ACT IA . -0.83 6.00 -25.17
O ACT IA . -1.73 6.80 -25.61
OXT ACT IA . -0.05 6.13 -24.15
CH3 ACT IA . -0.64 4.73 -26.07
H1 ACT IA . -0.69 4.99 -27.01
H2 ACT IA . -1.36 4.12 -25.91
H3 ACT IA . 0.20 4.30 -25.90
C ACT JA . 3.51 1.65 -4.01
O ACT JA . 2.60 0.69 -3.90
OXT ACT JA . 3.72 2.64 -3.22
CH3 ACT JA . 4.46 1.60 -5.26
H1 ACT JA . 4.97 0.77 -5.24
H2 ACT JA . 5.09 2.33 -5.22
H3 ACT JA . 3.96 1.65 -6.09
C ACT KA . 7.84 21.29 -3.69
O ACT KA . 7.40 20.27 -3.10
OXT ACT KA . 8.84 21.33 -4.43
CH3 ACT KA . 6.99 22.68 -3.46
H1 ACT KA . 7.49 23.43 -3.83
H2 ACT KA . 6.89 22.86 -2.51
H3 ACT KA . 6.11 22.65 -3.87
C ACT LA . -25.78 1.08 11.19
O ACT LA . -25.68 -0.11 11.59
OXT ACT LA . -25.06 2.09 11.49
CH3 ACT LA . -26.98 1.31 10.21
H1 ACT LA . -26.91 0.68 9.48
H2 ACT LA . -27.81 1.15 10.67
H3 ACT LA . -26.98 2.22 9.86
C1 BME MA . -6.71 8.40 21.27
C2 BME MA . -5.25 8.39 21.66
O1 BME MA . -7.28 9.45 20.42
S2 BME MA . -4.43 7.35 22.94
H11 BME MA . -7.26 8.32 22.06
H12 BME MA . -6.82 7.61 20.73
H21 BME MA . -5.06 9.31 21.92
H22 BME MA . -4.72 8.23 20.86
HO1 BME MA . -8.12 9.47 20.57
HS2 BME MA . -3.43 7.99 23.13
C FMT NA . -19.87 1.65 -12.98
O1 FMT NA . -18.80 1.69 -13.63
O2 FMT NA . -20.09 1.18 -11.84
H FMT NA . -20.77 1.83 -13.56
C FMT OA . -25.88 -9.42 9.19
O1 FMT OA . -25.53 -9.86 8.10
O2 FMT OA . -26.46 -8.33 9.42
H FMT OA . -25.69 -10.03 10.07
C FMT PA . 2.56 7.73 -22.48
O1 FMT PA . 2.66 6.49 -22.35
O2 FMT PA . 3.21 8.59 -21.87
H FMT PA . 1.83 8.06 -23.22
C FMT QA . -4.71 26.65 -9.38
O1 FMT QA . -3.77 26.34 -8.63
O2 FMT QA . -5.07 27.80 -9.64
H FMT QA . -5.26 25.82 -9.83
#